data_4EG6
#
_entry.id   4EG6
#
_cell.length_a   86.638
_cell.length_b   105.629
_cell.length_c   207.439
_cell.angle_alpha   90.00
_cell.angle_beta   90.00
_cell.angle_gamma   90.00
#
_symmetry.space_group_name_H-M   'P 21 21 21'
#
loop_
_entity.id
_entity.type
_entity.pdbx_description
1 polymer 'Methionyl-tRNA synthetase, putative'
2 non-polymer GLYCEROL
3 non-polymer 'DIMETHYL SULFOXIDE'
4 non-polymer METHIONINE
5 non-polymer 'SULFATE ION'
6 non-polymer 4-{4-[(1H-benzimidazol-2-ylmethyl)amino]-6-(2-chloro-4-methoxyphenoxy)pyrimidin-2-yl}piperazin-2-one
7 water water
#
_entity_poly.entity_id   1
_entity_poly.type   'polypeptide(L)'
_entity_poly.pdbx_seq_one_letter_code
;GPGSMKVEKVFFVTSPIYYVNAAPHIGHVYSTLITDVIGRYHRVKGERVFALTGTDEHGQKVAEAAKQKQVSPYDFTTAV
AGEFKKCFEQMDYSIDYFIRTTNEQHKAVVKELWTKLEQKGDIYLGRYEGWYSISDESFLTPQNITDGVDKDGNPCKVSL
ESGHVVTWVSEENYMFRLSAFRERLLEWYHANPGCIVPEFRRREVIRAVEKGLPDLSVSRARATLHNWAIPVPGNPDH
(CAS)VYVWLDALTNYLTGSRLRVDESGKEVSLVDDFNELERFPADVHVIGKDILKFHAIYWPAFLLSAGLPLPKKIVAH
GWWTKDRKKISKSLGNVFDPVEKAEEFGYDALKYFLLRESGFSDDGDYSDKNMIARLNGELADTLGNLVMRCTSAKINVN
GEWPSPAAYTEEDESLIQLIKDLPGTADHYYLIPDIQKAIIAVFDVLRAINAYVTDMAPWKLVKTDPERLRTVLYITLEG
VRVTTLLLSPILPRKSVVIFDMLGVPEVHRKGIENFEFGAVPPGTRLGPAVEGEVLFSKRSTENTKST
;
_entity_poly.pdbx_strand_id   A,B
#
# COMPACT_ATOMS: atom_id res chain seq x y z
N GLU A 8 4.13 -17.45 -28.25
CA GLU A 8 4.00 -17.93 -26.85
C GLU A 8 3.11 -19.17 -26.82
N LYS A 9 2.23 -19.24 -25.82
CA LYS A 9 1.62 -20.47 -25.38
C LYS A 9 0.19 -20.16 -24.91
N VAL A 10 -0.60 -21.22 -24.75
CA VAL A 10 -1.87 -21.13 -24.03
C VAL A 10 -1.55 -21.21 -22.56
N PHE A 11 -1.98 -20.22 -21.79
CA PHE A 11 -1.76 -20.26 -20.36
C PHE A 11 -2.63 -21.36 -19.79
N PHE A 12 -1.98 -22.38 -19.23
CA PHE A 12 -2.65 -23.59 -18.77
C PHE A 12 -2.64 -23.59 -17.24
N VAL A 13 -3.82 -23.43 -16.65
CA VAL A 13 -3.99 -23.57 -15.19
C VAL A 13 -4.87 -24.77 -14.89
N THR A 14 -4.59 -25.47 -13.78
CA THR A 14 -5.34 -26.67 -13.38
C THR A 14 -5.78 -26.61 -11.92
N SER A 15 -6.76 -27.43 -11.59
CA SER A 15 -7.06 -27.77 -10.18
C SER A 15 -6.79 -29.26 -10.02
N PRO A 16 -6.75 -29.74 -8.77
CA PRO A 16 -6.65 -31.17 -8.62
C PRO A 16 -7.97 -31.83 -9.01
N ILE A 17 -7.92 -33.05 -9.51
CA ILE A 17 -9.13 -33.82 -9.81
C ILE A 17 -9.53 -34.56 -8.53
N TYR A 18 -10.80 -34.43 -8.11
CA TYR A 18 -11.21 -34.82 -6.76
C TYR A 18 -11.77 -36.25 -6.68
N TYR A 19 -11.50 -36.97 -5.58
CA TYR A 19 -12.06 -38.29 -5.41
C TYR A 19 -13.58 -38.20 -5.34
N VAL A 20 -14.26 -39.10 -6.07
CA VAL A 20 -15.73 -39.10 -6.14
C VAL A 20 -16.38 -39.99 -5.07
N ASN A 21 -15.66 -40.26 -3.98
CA ASN A 21 -16.19 -41.08 -2.88
C ASN A 21 -17.35 -40.43 -2.11
N ALA A 22 -17.41 -39.11 -2.12
CA ALA A 22 -18.48 -38.39 -1.45
C ALA A 22 -18.88 -37.13 -2.24
N ALA A 23 -20.08 -36.62 -1.94
CA ALA A 23 -20.60 -35.42 -2.58
C ALA A 23 -19.58 -34.31 -2.48
N PRO A 24 -19.61 -33.36 -3.43
CA PRO A 24 -18.78 -32.16 -3.36
C PRO A 24 -19.11 -31.24 -2.17
N HIS A 25 -18.09 -30.55 -1.67
CA HIS A 25 -18.20 -29.65 -0.53
C HIS A 25 -17.32 -28.44 -0.72
N ILE A 26 -17.28 -27.57 0.29
CA ILE A 26 -16.57 -26.31 0.18
C ILE A 26 -15.13 -26.49 -0.31
N GLY A 27 -14.45 -27.49 0.23
CA GLY A 27 -13.06 -27.73 -0.10
C GLY A 27 -12.76 -27.80 -1.59
N HIS A 28 -13.55 -28.59 -2.30
CA HIS A 28 -13.39 -28.74 -3.74
C HIS A 28 -13.67 -27.45 -4.43
N VAL A 29 -14.78 -26.82 -4.01
CA VAL A 29 -15.19 -25.54 -4.55
C VAL A 29 -14.11 -24.47 -4.43
N TYR A 30 -13.48 -24.42 -3.26
CA TYR A 30 -12.40 -23.47 -3.03
C TYR A 30 -11.20 -23.71 -3.94
N SER A 31 -10.74 -24.96 -4.02
CA SER A 31 -9.62 -25.28 -4.90
C SER A 31 -9.92 -24.88 -6.33
N THR A 32 -11.10 -25.23 -6.81
CA THR A 32 -11.44 -24.93 -8.19
C THR A 32 -11.61 -23.42 -8.37
N LEU A 33 -12.16 -22.75 -7.35
CA LEU A 33 -12.29 -21.30 -7.38
C LEU A 33 -10.96 -20.62 -7.62
N ILE A 34 -9.91 -21.08 -6.91
CA ILE A 34 -8.57 -20.56 -7.15
C ILE A 34 -8.16 -20.78 -8.60
N THR A 35 -8.26 -22.01 -9.09
CA THR A 35 -7.99 -22.31 -10.50
C THR A 35 -8.75 -21.34 -11.42
N ASP A 36 -10.03 -21.14 -11.09
CA ASP A 36 -10.92 -20.29 -11.89
C ASP A 36 -10.45 -18.84 -11.96
N VAL A 37 -10.17 -18.26 -10.81
CA VAL A 37 -9.71 -16.88 -10.73
C VAL A 37 -8.42 -16.63 -11.54
N ILE A 38 -7.39 -17.44 -11.27
CA ILE A 38 -6.13 -17.34 -12.00
C ILE A 38 -6.43 -17.34 -13.50
N GLY A 39 -7.23 -18.30 -13.95
CA GLY A 39 -7.65 -18.35 -15.34
C GLY A 39 -8.30 -17.06 -15.79
N ARG A 40 -9.22 -16.54 -14.97
CA ARG A 40 -10.03 -15.38 -15.37
C ARG A 40 -9.14 -14.18 -15.56
N TYR A 41 -8.22 -13.96 -14.64
CA TYR A 41 -7.30 -12.84 -14.74
C TYR A 41 -6.42 -12.89 -16.00
N HIS A 42 -6.00 -14.08 -16.44
CA HIS A 42 -5.18 -14.15 -17.64
C HIS A 42 -5.97 -13.86 -18.89
N ARG A 43 -7.22 -14.30 -18.92
CA ARG A 43 -8.09 -13.89 -20.00
C ARG A 43 -8.30 -12.37 -19.98
N VAL A 44 -8.38 -11.76 -18.78
CA VAL A 44 -8.55 -10.31 -18.70
C VAL A 44 -7.33 -9.57 -19.28
N LYS A 45 -6.13 -10.13 -19.10
CA LYS A 45 -4.92 -9.63 -19.79
C LYS A 45 -4.91 -9.96 -21.29
N GLY A 46 -5.92 -10.71 -21.75
CA GLY A 46 -6.10 -11.01 -23.17
C GLY A 46 -5.26 -12.19 -23.63
N GLU A 47 -4.96 -13.11 -22.73
CA GLU A 47 -4.14 -14.28 -23.07
C GLU A 47 -5.05 -15.44 -23.43
N ARG A 48 -4.51 -16.42 -24.16
CA ARG A 48 -5.22 -17.66 -24.38
C ARG A 48 -5.13 -18.49 -23.11
N VAL A 49 -6.28 -18.95 -22.61
CA VAL A 49 -6.33 -19.68 -21.36
C VAL A 49 -7.00 -21.03 -21.55
N PHE A 50 -6.57 -22.02 -20.77
CA PHE A 50 -7.26 -23.29 -20.66
C PHE A 50 -7.25 -23.71 -19.20
N ALA A 51 -8.38 -23.57 -18.53
CA ALA A 51 -8.49 -23.91 -17.13
C ALA A 51 -9.13 -25.28 -17.03
N LEU A 52 -8.53 -26.15 -16.23
CA LEU A 52 -8.95 -27.56 -16.15
C LEU A 52 -9.37 -27.91 -14.73
N THR A 53 -10.38 -28.75 -14.62
CA THR A 53 -10.79 -29.34 -13.35
C THR A 53 -11.38 -30.73 -13.63
N GLY A 54 -11.80 -31.45 -12.60
CA GLY A 54 -12.36 -32.77 -12.81
C GLY A 54 -12.34 -33.69 -11.62
N THR A 55 -12.74 -34.93 -11.86
CA THR A 55 -12.87 -35.92 -10.82
C THR A 55 -11.90 -37.09 -11.00
N ASP A 56 -11.50 -37.69 -9.87
CA ASP A 56 -10.59 -38.83 -9.80
C ASP A 56 -11.42 -40.06 -9.42
N GLU A 57 -11.63 -40.95 -10.38
CA GLU A 57 -12.71 -41.91 -10.23
C GLU A 57 -12.28 -43.33 -9.93
N HIS A 58 -11.03 -43.68 -10.26
CA HIS A 58 -10.54 -45.02 -9.99
C HIS A 58 -10.09 -45.17 -8.56
N GLY A 59 -9.61 -46.36 -8.24
CA GLY A 59 -8.95 -46.59 -6.96
C GLY A 59 -9.78 -47.38 -5.97
N GLN A 60 -9.09 -47.81 -4.92
CA GLN A 60 -9.67 -48.56 -3.82
C GLN A 60 -10.60 -47.67 -2.98
N LYS A 61 -10.13 -46.48 -2.65
CA LYS A 61 -10.92 -45.51 -1.90
C LYS A 61 -12.31 -45.39 -2.50
N VAL A 62 -12.38 -45.04 -3.79
CA VAL A 62 -13.65 -44.82 -4.47
C VAL A 62 -14.44 -46.12 -4.63
N ALA A 63 -13.74 -47.21 -4.95
CA ALA A 63 -14.38 -48.53 -5.08
C ALA A 63 -15.07 -48.94 -3.79
N GLU A 64 -14.39 -48.70 -2.67
CA GLU A 64 -14.89 -49.11 -1.37
C GLU A 64 -15.91 -48.13 -0.80
N ALA A 65 -16.03 -46.94 -1.40
CA ALA A 65 -17.12 -46.03 -1.07
C ALA A 65 -18.37 -46.44 -1.82
N ALA A 66 -18.17 -46.91 -3.05
CA ALA A 66 -19.27 -47.36 -3.90
C ALA A 66 -19.80 -48.70 -3.42
N LYS A 67 -18.93 -49.52 -2.85
CA LYS A 67 -19.35 -50.81 -2.30
C LYS A 67 -20.19 -50.61 -1.03
N GLN A 68 -19.80 -49.65 -0.20
CA GLN A 68 -20.50 -49.37 1.06
C GLN A 68 -21.88 -48.72 0.86
N LYS A 69 -22.14 -48.21 -0.35
CA LYS A 69 -23.46 -47.69 -0.72
C LYS A 69 -24.22 -48.68 -1.62
N GLN A 70 -23.73 -49.93 -1.68
CA GLN A 70 -24.41 -51.00 -2.41
C GLN A 70 -24.72 -50.58 -3.86
N VAL A 71 -23.68 -50.22 -4.60
CA VAL A 71 -23.84 -49.74 -5.99
C VAL A 71 -22.60 -50.04 -6.82
N SER A 72 -22.82 -50.16 -8.14
CA SER A 72 -21.76 -50.39 -9.11
C SER A 72 -20.79 -49.22 -9.16
N PRO A 73 -19.48 -49.48 -9.21
CA PRO A 73 -18.50 -48.42 -9.39
C PRO A 73 -18.80 -47.47 -10.55
N TYR A 74 -19.20 -48.02 -11.70
CA TYR A 74 -19.51 -47.20 -12.88
C TYR A 74 -20.66 -46.26 -12.55
N ASP A 75 -21.74 -46.82 -12.03
CA ASP A 75 -22.94 -46.05 -11.69
C ASP A 75 -22.69 -45.03 -10.58
N PHE A 76 -21.85 -45.39 -9.63
CA PHE A 76 -21.57 -44.55 -8.48
C PHE A 76 -20.77 -43.31 -8.90
N THR A 77 -19.66 -43.54 -9.61
CA THR A 77 -18.79 -42.47 -10.04
C THR A 77 -19.47 -41.55 -11.06
N THR A 78 -20.28 -42.10 -11.95
CA THR A 78 -21.08 -41.25 -12.85
C THR A 78 -22.03 -40.35 -12.04
N ALA A 79 -22.67 -40.93 -11.04
CA ALA A 79 -23.57 -40.19 -10.15
C ALA A 79 -22.87 -39.03 -9.48
N VAL A 80 -21.77 -39.32 -8.78
CA VAL A 80 -21.04 -38.32 -7.99
C VAL A 80 -20.38 -37.30 -8.90
N ALA A 81 -19.82 -37.78 -10.01
CA ALA A 81 -19.32 -36.89 -11.04
C ALA A 81 -20.38 -35.88 -11.47
N GLY A 82 -21.60 -36.35 -11.66
CA GLY A 82 -22.70 -35.45 -12.01
C GLY A 82 -22.96 -34.40 -10.95
N GLU A 83 -22.86 -34.79 -9.68
CA GLU A 83 -23.06 -33.88 -8.57
C GLU A 83 -21.98 -32.82 -8.54
N PHE A 84 -20.75 -33.21 -8.88
CA PHE A 84 -19.62 -32.28 -8.95
C PHE A 84 -19.82 -31.23 -10.03
N LYS A 85 -20.31 -31.69 -11.18
CA LYS A 85 -20.54 -30.80 -12.32
C LYS A 85 -21.65 -29.82 -12.02
N LYS A 86 -22.76 -30.34 -11.51
CA LYS A 86 -23.88 -29.50 -11.09
C LYS A 86 -23.43 -28.40 -10.12
N CYS A 87 -22.71 -28.81 -9.08
CA CYS A 87 -22.15 -27.87 -8.10
C CYS A 87 -21.33 -26.80 -8.79
N PHE A 88 -20.36 -27.22 -9.60
CA PHE A 88 -19.45 -26.29 -10.25
C PHE A 88 -20.17 -25.35 -11.25
N GLU A 89 -21.20 -25.87 -11.92
CA GLU A 89 -22.02 -25.01 -12.77
C GLU A 89 -22.73 -23.96 -11.91
N GLN A 90 -23.35 -24.39 -10.82
CA GLN A 90 -24.04 -23.43 -9.95
C GLN A 90 -23.11 -22.29 -9.50
N MET A 91 -21.87 -22.63 -9.18
CA MET A 91 -20.86 -21.67 -8.71
C MET A 91 -20.37 -20.68 -9.78
N ASP A 92 -20.70 -20.93 -11.04
CA ASP A 92 -20.48 -19.94 -12.08
C ASP A 92 -18.99 -19.69 -12.27
N TYR A 93 -18.25 -20.77 -12.44
CA TYR A 93 -16.86 -20.71 -12.83
C TYR A 93 -16.78 -20.53 -14.34
N SER A 94 -15.62 -20.15 -14.85
CA SER A 94 -15.39 -20.10 -16.28
C SER A 94 -14.33 -21.14 -16.70
N ILE A 95 -14.35 -22.28 -16.00
CA ILE A 95 -13.51 -23.44 -16.35
C ILE A 95 -13.78 -23.98 -17.76
N ASP A 96 -12.71 -24.32 -18.46
CA ASP A 96 -12.80 -24.73 -19.87
C ASP A 96 -13.14 -26.20 -20.08
N TYR A 97 -12.75 -27.07 -19.16
CA TYR A 97 -13.06 -28.50 -19.30
C TYR A 97 -13.12 -29.25 -17.98
N PHE A 98 -14.09 -30.15 -17.89
CA PHE A 98 -14.23 -31.04 -16.76
C PHE A 98 -13.79 -32.44 -17.19
N ILE A 99 -12.68 -32.93 -16.66
CA ILE A 99 -12.13 -34.24 -17.03
C ILE A 99 -12.55 -35.31 -16.01
N ARG A 100 -12.75 -36.53 -16.49
CA ARG A 100 -13.02 -37.67 -15.63
C ARG A 100 -11.99 -38.72 -15.95
N THR A 101 -11.41 -39.33 -14.93
CA THR A 101 -10.35 -40.30 -15.18
C THR A 101 -10.90 -41.63 -15.72
N THR A 102 -12.22 -41.77 -15.78
CA THR A 102 -12.85 -42.90 -16.47
C THR A 102 -12.96 -42.67 -17.97
N ASN A 103 -12.71 -41.45 -18.42
CA ASN A 103 -12.73 -41.16 -19.85
C ASN A 103 -11.83 -42.13 -20.61
N GLU A 104 -12.33 -42.64 -21.72
CA GLU A 104 -11.60 -43.61 -22.49
C GLU A 104 -10.29 -43.01 -23.01
N GLN A 105 -10.33 -41.73 -23.39
CA GLN A 105 -9.17 -41.03 -23.94
C GLN A 105 -8.11 -40.77 -22.87
N HIS A 106 -8.53 -40.50 -21.64
CA HIS A 106 -7.57 -40.39 -20.55
C HIS A 106 -6.83 -41.70 -20.34
N LYS A 107 -7.58 -42.80 -20.30
CA LYS A 107 -7.00 -44.13 -20.13
C LYS A 107 -5.88 -44.35 -21.13
N ALA A 108 -6.11 -43.91 -22.36
CA ALA A 108 -5.12 -44.02 -23.44
C ALA A 108 -3.83 -43.29 -23.11
N VAL A 109 -3.96 -42.06 -22.63
CA VAL A 109 -2.79 -41.26 -22.29
C VAL A 109 -1.99 -41.97 -21.20
N VAL A 110 -2.69 -42.51 -20.20
CA VAL A 110 -2.05 -43.23 -19.09
C VAL A 110 -1.25 -44.43 -19.58
N LYS A 111 -1.87 -45.25 -20.43
CA LYS A 111 -1.18 -46.41 -21.00
C LYS A 111 0.07 -46.00 -21.80
N GLU A 112 0.00 -44.85 -22.43
CA GLU A 112 1.06 -44.34 -23.26
C GLU A 112 2.19 -43.80 -22.40
N LEU A 113 1.83 -43.10 -21.32
CA LEU A 113 2.84 -42.57 -20.40
C LEU A 113 3.56 -43.71 -19.70
N TRP A 114 2.79 -44.70 -19.26
CA TRP A 114 3.37 -45.86 -18.62
C TRP A 114 4.37 -46.53 -19.50
N THR A 115 3.99 -46.72 -20.76
CA THR A 115 4.85 -47.39 -21.72
C THR A 115 6.14 -46.58 -21.88
N LYS A 116 6.01 -45.27 -21.95
CA LYS A 116 7.17 -44.40 -22.04
C LYS A 116 8.08 -44.64 -20.82
N LEU A 117 7.48 -44.67 -19.63
CA LEU A 117 8.25 -44.87 -18.42
C LEU A 117 8.97 -46.21 -18.48
N GLU A 118 8.26 -47.26 -18.88
CA GLU A 118 8.85 -48.60 -18.96
C GLU A 118 9.96 -48.65 -19.97
N GLN A 119 9.73 -48.04 -21.13
CA GLN A 119 10.70 -48.06 -22.23
C GLN A 119 11.96 -47.32 -21.81
N LYS A 120 11.82 -46.24 -21.05
CA LYS A 120 12.97 -45.46 -20.60
C LYS A 120 13.81 -46.18 -19.54
N GLY A 121 13.28 -47.28 -19.00
CA GLY A 121 14.00 -48.14 -18.06
C GLY A 121 13.69 -47.86 -16.61
N ASP A 122 12.68 -47.05 -16.35
CA ASP A 122 12.42 -46.55 -15.01
C ASP A 122 11.27 -47.28 -14.29
N ILE A 123 10.79 -48.39 -14.85
CA ILE A 123 9.78 -49.22 -14.16
C ILE A 123 10.17 -50.70 -14.13
N TYR A 124 10.25 -51.25 -12.92
CA TYR A 124 10.69 -52.62 -12.71
C TYR A 124 9.76 -53.33 -11.73
N LEU A 125 9.79 -54.66 -11.74
CA LEU A 125 8.91 -55.45 -10.91
C LEU A 125 9.60 -55.74 -9.59
N GLY A 126 8.98 -55.26 -8.51
CA GLY A 126 9.50 -55.52 -7.17
C GLY A 126 8.37 -55.79 -6.20
N ARG A 127 8.64 -55.48 -4.93
CA ARG A 127 7.66 -55.57 -3.86
C ARG A 127 7.58 -54.24 -3.12
N TYR A 128 6.39 -53.93 -2.62
CA TYR A 128 6.26 -52.95 -1.57
C TYR A 128 5.76 -53.70 -0.34
N GLU A 129 6.47 -53.53 0.76
CA GLU A 129 6.04 -54.02 2.07
C GLU A 129 6.07 -52.85 3.07
N GLY A 130 4.91 -52.33 3.40
CA GLY A 130 4.87 -51.15 4.25
C GLY A 130 3.48 -50.60 4.42
N TRP A 131 3.40 -49.43 5.05
CA TRP A 131 2.10 -48.84 5.39
C TRP A 131 1.46 -48.15 4.22
N TYR A 132 0.13 -48.11 4.24
CA TYR A 132 -0.62 -47.45 3.19
C TYR A 132 -1.93 -46.92 3.74
N SER A 133 -2.25 -45.67 3.40
CA SER A 133 -3.52 -45.05 3.78
C SER A 133 -4.48 -45.09 2.59
N ILE A 134 -5.52 -45.90 2.70
CA ILE A 134 -6.48 -46.03 1.61
C ILE A 134 -7.17 -44.71 1.31
N SER A 135 -7.50 -43.96 2.35
CA SER A 135 -8.22 -42.70 2.19
C SER A 135 -7.36 -41.63 1.51
N ASP A 136 -6.04 -41.73 1.64
CA ASP A 136 -5.15 -40.78 1.00
C ASP A 136 -4.51 -41.41 -0.22
N GLU A 137 -4.71 -42.72 -0.38
CA GLU A 137 -4.08 -43.50 -1.44
C GLU A 137 -2.57 -43.25 -1.43
N SER A 138 -1.99 -43.31 -0.23
CA SER A 138 -0.63 -42.87 -0.02
C SER A 138 0.22 -43.89 0.69
N PHE A 139 1.40 -44.17 0.11
CA PHE A 139 2.43 -44.92 0.78
C PHE A 139 3.05 -44.03 1.87
N LEU A 140 3.23 -44.59 3.06
CA LEU A 140 3.84 -43.87 4.18
C LEU A 140 4.91 -44.72 4.83
N THR A 141 6.00 -44.10 5.25
CA THR A 141 7.05 -44.80 6.00
C THR A 141 6.62 -44.83 7.46
N PRO A 142 7.22 -45.70 8.29
CA PRO A 142 6.74 -45.84 9.67
C PRO A 142 6.86 -44.56 10.51
N GLN A 143 7.81 -43.71 10.15
CA GLN A 143 7.97 -42.41 10.80
C GLN A 143 6.76 -41.51 10.59
N ASN A 144 5.96 -41.77 9.56
CA ASN A 144 4.74 -40.98 9.29
C ASN A 144 3.44 -41.61 9.74
N ILE A 145 3.51 -42.63 10.59
CA ILE A 145 2.30 -43.18 11.20
C ILE A 145 2.39 -43.08 12.70
N THR A 146 1.26 -43.28 13.36
CA THR A 146 1.19 -43.20 14.82
C THR A 146 0.00 -43.99 15.34
N ASP A 147 -0.21 -43.99 16.65
CA ASP A 147 -1.31 -44.75 17.25
C ASP A 147 -2.58 -43.93 17.21
N GLY A 148 -3.70 -44.61 16.99
CA GLY A 148 -4.99 -43.96 16.94
C GLY A 148 -6.12 -44.95 17.11
N VAL A 149 -7.33 -44.49 16.87
CA VAL A 149 -8.52 -45.32 17.08
C VAL A 149 -9.27 -45.56 15.78
N ASP A 150 -9.56 -46.85 15.55
CA ASP A 150 -10.45 -47.27 14.49
C ASP A 150 -11.86 -46.78 14.80
N LYS A 151 -12.63 -46.46 13.76
CA LYS A 151 -13.99 -45.93 13.91
C LYS A 151 -14.97 -46.86 14.66
N ASP A 152 -14.68 -48.17 14.65
CA ASP A 152 -15.29 -49.09 15.62
C ASP A 152 -15.04 -48.57 17.03
N GLY A 153 -13.77 -48.35 17.35
CA GLY A 153 -13.32 -48.01 18.70
C GLY A 153 -12.06 -48.76 19.11
N ASN A 154 -11.67 -49.75 18.31
CA ASN A 154 -10.45 -50.52 18.57
C ASN A 154 -9.16 -49.72 18.29
N PRO A 155 -8.02 -50.18 18.86
CA PRO A 155 -6.76 -49.48 18.63
C PRO A 155 -6.17 -49.88 17.30
N CYS A 156 -5.66 -48.89 16.56
CA CYS A 156 -5.09 -49.13 15.24
C CYS A 156 -3.98 -48.14 15.00
N LYS A 157 -3.39 -48.20 13.81
CA LYS A 157 -2.37 -47.23 13.41
C LYS A 157 -2.94 -46.27 12.37
N VAL A 158 -2.64 -44.99 12.53
CA VAL A 158 -3.15 -43.93 11.65
C VAL A 158 -2.00 -43.13 11.01
N SER A 159 -2.34 -42.30 10.03
CA SER A 159 -1.36 -41.44 9.36
C SER A 159 -1.16 -40.16 10.13
N LEU A 160 0.10 -39.83 10.46
CA LEU A 160 0.44 -38.52 11.07
C LEU A 160 0.02 -37.36 10.19
N GLU A 161 0.20 -37.49 8.88
CA GLU A 161 -0.33 -36.50 7.93
C GLU A 161 -1.82 -36.24 8.14
N SER A 162 -2.65 -37.24 7.84
CA SER A 162 -4.07 -37.01 7.63
C SER A 162 -4.95 -37.46 8.78
N GLY A 163 -4.53 -38.52 9.46
CA GLY A 163 -5.28 -39.06 10.60
C GLY A 163 -6.12 -40.28 10.28
N HIS A 164 -6.11 -40.72 9.03
CA HIS A 164 -6.90 -41.90 8.62
C HIS A 164 -6.21 -43.19 8.95
N VAL A 165 -6.98 -44.27 8.96
CA VAL A 165 -6.46 -45.59 9.24
C VAL A 165 -5.47 -46.01 8.16
N VAL A 166 -4.32 -46.54 8.58
CA VAL A 166 -3.33 -47.10 7.67
C VAL A 166 -3.31 -48.63 7.81
N THR A 167 -3.04 -49.30 6.70
CA THR A 167 -2.98 -50.74 6.69
C THR A 167 -1.64 -51.19 6.11
N TRP A 168 -1.19 -52.36 6.54
CA TRP A 168 0.03 -52.92 6.00
C TRP A 168 -0.26 -53.56 4.68
N VAL A 169 0.67 -53.40 3.75
CA VAL A 169 0.53 -53.94 2.40
C VAL A 169 1.81 -54.68 2.06
N SER A 170 1.66 -55.93 1.63
CA SER A 170 2.77 -56.69 1.09
C SER A 170 2.35 -57.27 -0.25
N GLU A 171 2.85 -56.69 -1.34
CA GLU A 171 2.42 -57.05 -2.68
C GLU A 171 3.58 -57.04 -3.64
N GLU A 172 3.52 -57.90 -4.64
CA GLU A 172 4.37 -57.75 -5.79
C GLU A 172 3.76 -56.60 -6.60
N ASN A 173 4.52 -55.52 -6.75
CA ASN A 173 4.08 -54.35 -7.50
C ASN A 173 5.15 -53.95 -8.51
N TYR A 174 4.74 -53.18 -9.50
CA TYR A 174 5.69 -52.53 -10.38
C TYR A 174 6.18 -51.26 -9.68
N MET A 175 7.48 -51.01 -9.77
CA MET A 175 8.14 -49.92 -9.05
C MET A 175 8.74 -48.91 -10.01
N PHE A 176 8.50 -47.63 -9.73
CA PHE A 176 9.13 -46.53 -10.48
C PHE A 176 10.42 -46.11 -9.78
N ARG A 177 11.45 -45.78 -10.54
CA ARG A 177 12.78 -45.55 -9.95
C ARG A 177 12.93 -44.14 -9.38
N LEU A 178 11.99 -43.76 -8.52
CA LEU A 178 11.93 -42.39 -7.99
C LEU A 178 13.27 -41.98 -7.38
N SER A 179 13.91 -42.93 -6.69
CA SER A 179 15.23 -42.73 -6.11
C SER A 179 16.24 -42.13 -7.08
N ALA A 180 16.18 -42.55 -8.34
CA ALA A 180 17.15 -42.06 -9.33
C ALA A 180 16.91 -40.62 -9.77
N PHE A 181 15.86 -39.99 -9.26
CA PHE A 181 15.50 -38.63 -9.68
C PHE A 181 15.74 -37.56 -8.61
N ARG A 182 16.38 -37.95 -7.50
CA ARG A 182 16.66 -37.03 -6.42
C ARG A 182 17.56 -35.88 -6.87
N GLU A 183 18.73 -36.21 -7.37
CA GLU A 183 19.72 -35.22 -7.84
C GLU A 183 19.06 -34.19 -8.81
N ARG A 184 18.22 -34.67 -9.72
CA ARG A 184 17.61 -33.82 -10.74
C ARG A 184 16.44 -32.97 -10.23
N LEU A 185 15.62 -33.54 -9.34
CA LEU A 185 14.54 -32.78 -8.69
C LEU A 185 15.14 -31.64 -7.87
N LEU A 186 16.21 -31.92 -7.14
CA LEU A 186 16.94 -30.90 -6.39
C LEU A 186 17.50 -29.79 -7.31
N GLU A 187 18.02 -30.19 -8.47
CA GLU A 187 18.47 -29.22 -9.46
C GLU A 187 17.31 -28.33 -9.85
N TRP A 188 16.18 -28.96 -10.13
CA TRP A 188 14.97 -28.25 -10.58
C TRP A 188 14.44 -27.25 -9.57
N TYR A 189 14.42 -27.63 -8.28
CA TYR A 189 13.92 -26.74 -7.24
C TYR A 189 14.81 -25.51 -7.11
N HIS A 190 16.12 -25.75 -7.17
CA HIS A 190 17.14 -24.73 -6.96
CA HIS A 190 17.09 -24.70 -6.93
C HIS A 190 17.21 -23.78 -8.11
N ALA A 191 17.10 -24.32 -9.31
CA ALA A 191 17.20 -23.51 -10.53
C ALA A 191 15.92 -22.73 -10.81
N ASN A 192 14.83 -23.05 -10.12
CA ASN A 192 13.54 -22.45 -10.39
C ASN A 192 12.81 -22.14 -9.09
N PRO A 193 13.33 -21.20 -8.31
CA PRO A 193 12.90 -20.97 -6.93
C PRO A 193 11.50 -20.40 -6.77
N GLY A 194 10.80 -20.14 -7.86
CA GLY A 194 9.38 -19.83 -7.78
C GLY A 194 8.47 -21.02 -8.07
N CYS A 195 9.04 -22.19 -8.34
CA CYS A 195 8.24 -23.28 -8.86
C CYS A 195 7.23 -23.80 -7.84
N ILE A 196 7.53 -23.68 -6.56
CA ILE A 196 6.59 -24.10 -5.53
C ILE A 196 6.26 -22.95 -4.61
N VAL A 197 4.96 -22.69 -4.43
CA VAL A 197 4.46 -21.56 -3.67
C VAL A 197 3.41 -22.05 -2.69
N PRO A 198 3.44 -21.57 -1.43
CA PRO A 198 4.25 -20.53 -0.85
C PRO A 198 5.64 -21.03 -0.51
N GLU A 199 6.52 -20.10 -0.22
CA GLU A 199 7.93 -20.39 -0.04
C GLU A 199 8.25 -21.44 1.04
N PHE A 200 7.51 -21.43 2.15
CA PHE A 200 7.78 -22.37 3.25
C PHE A 200 7.44 -23.83 2.91
N ARG A 201 6.47 -24.01 2.01
CA ARG A 201 6.15 -25.34 1.49
C ARG A 201 7.20 -25.78 0.49
N ARG A 202 7.70 -24.84 -0.30
CA ARG A 202 8.81 -25.13 -1.19
C ARG A 202 10.01 -25.69 -0.40
N ARG A 203 10.27 -25.13 0.78
CA ARG A 203 11.38 -25.58 1.62
C ARG A 203 11.09 -26.94 2.22
N GLU A 204 9.80 -27.22 2.48
CA GLU A 204 9.40 -28.55 2.93
C GLU A 204 9.77 -29.60 1.88
N VAL A 205 9.50 -29.31 0.61
CA VAL A 205 9.76 -30.28 -0.43
C VAL A 205 11.27 -30.53 -0.59
N ILE A 206 12.08 -29.48 -0.52
CA ILE A 206 13.52 -29.64 -0.69
C ILE A 206 14.13 -30.48 0.42
N ARG A 207 13.73 -30.21 1.66
CA ARG A 207 14.27 -30.94 2.82
C ARG A 207 13.87 -32.41 2.75
N ALA A 208 12.60 -32.66 2.41
CA ALA A 208 12.09 -34.01 2.28
C ALA A 208 12.88 -34.78 1.24
N VAL A 209 13.12 -34.15 0.09
CA VAL A 209 13.85 -34.79 -1.00
C VAL A 209 15.34 -34.92 -0.66
N GLU A 210 15.90 -33.88 -0.05
CA GLU A 210 17.30 -33.93 0.39
C GLU A 210 17.57 -35.14 1.27
N LYS A 211 16.65 -35.43 2.20
CA LYS A 211 16.77 -36.60 3.10
C LYS A 211 16.85 -37.93 2.33
N GLY A 212 16.23 -38.00 1.16
CA GLY A 212 16.32 -39.17 0.30
C GLY A 212 14.95 -39.64 -0.18
N LEU A 213 14.97 -40.35 -1.31
CA LEU A 213 13.75 -40.82 -1.95
C LEU A 213 13.86 -42.31 -2.24
N PRO A 214 12.84 -43.08 -1.86
CA PRO A 214 12.75 -44.47 -2.23
C PRO A 214 11.95 -44.64 -3.53
N ASP A 215 11.95 -45.85 -4.08
CA ASP A 215 11.18 -46.12 -5.28
C ASP A 215 9.71 -46.13 -4.94
N LEU A 216 8.89 -45.71 -5.89
CA LEU A 216 7.47 -45.56 -5.67
C LEU A 216 6.81 -46.73 -6.35
N SER A 217 5.77 -47.26 -5.72
CA SER A 217 5.03 -48.37 -6.27
C SER A 217 3.94 -47.86 -7.20
N VAL A 218 4.17 -48.00 -8.51
CA VAL A 218 3.24 -47.51 -9.52
C VAL A 218 2.17 -48.54 -9.96
N SER A 219 2.16 -49.72 -9.34
CA SER A 219 1.06 -50.67 -9.58
C SER A 219 0.58 -51.38 -8.33
N ARG A 220 -0.64 -51.93 -8.39
CA ARG A 220 -1.21 -52.74 -7.30
C ARG A 220 -1.82 -54.02 -7.85
N ALA A 221 -1.82 -55.06 -7.03
CA ALA A 221 -2.49 -56.31 -7.38
C ALA A 221 -3.96 -56.03 -7.75
N ARG A 222 -4.41 -56.68 -8.82
CA ARG A 222 -5.77 -56.57 -9.34
C ARG A 222 -6.91 -56.64 -8.29
N ALA A 223 -6.84 -57.66 -7.44
CA ALA A 223 -7.89 -57.92 -6.45
C ALA A 223 -8.01 -56.81 -5.43
N THR A 224 -6.86 -56.33 -4.95
CA THR A 224 -6.82 -55.25 -3.96
C THR A 224 -7.70 -54.08 -4.32
N LEU A 225 -7.65 -53.67 -5.60
CA LEU A 225 -8.39 -52.51 -6.11
C LEU A 225 -9.79 -52.84 -6.63
N HIS A 226 -10.24 -54.08 -6.44
CA HIS A 226 -11.59 -54.47 -6.87
C HIS A 226 -11.78 -54.20 -8.35
N ASN A 227 -10.71 -54.47 -9.11
CA ASN A 227 -10.70 -54.35 -10.57
C ASN A 227 -11.24 -53.02 -11.09
N TRP A 228 -11.05 -51.99 -10.27
CA TRP A 228 -11.56 -50.67 -10.54
C TRP A 228 -10.41 -49.72 -10.75
N ALA A 229 -9.77 -49.86 -11.92
CA ALA A 229 -8.56 -49.13 -12.28
C ALA A 229 -8.09 -49.47 -13.69
N ILE A 230 -7.06 -48.78 -14.13
CA ILE A 230 -6.51 -48.97 -15.46
C ILE A 230 -5.51 -50.15 -15.45
N PRO A 231 -5.72 -51.16 -16.29
CA PRO A 231 -4.72 -52.24 -16.34
C PRO A 231 -3.34 -51.77 -16.75
N VAL A 232 -2.31 -52.35 -16.16
CA VAL A 232 -0.96 -52.11 -16.61
C VAL A 232 -0.81 -52.74 -17.99
N PRO A 233 -0.31 -51.98 -18.97
CA PRO A 233 0.00 -52.51 -20.30
C PRO A 233 0.91 -53.73 -20.23
N GLY A 234 0.47 -54.82 -20.84
CA GLY A 234 1.26 -56.04 -20.86
C GLY A 234 1.23 -56.85 -19.59
N ASN A 235 0.47 -56.40 -18.58
CA ASN A 235 0.22 -57.21 -17.41
C ASN A 235 -1.20 -56.99 -16.87
N PRO A 236 -2.16 -57.83 -17.30
CA PRO A 236 -3.56 -57.73 -16.87
C PRO A 236 -3.78 -58.00 -15.39
N ASP A 237 -2.83 -58.61 -14.70
CA ASP A 237 -2.98 -58.90 -13.29
C ASP A 237 -2.65 -57.71 -12.40
N HIS A 238 -2.17 -56.61 -12.97
CA HIS A 238 -1.86 -55.39 -12.19
C HIS A 238 -2.65 -54.21 -12.65
N VAL A 240 -2.51 -49.71 -12.74
CA VAL A 240 -1.80 -48.46 -12.53
C VAL A 240 -2.27 -47.71 -11.27
N TYR A 241 -1.32 -47.47 -10.36
CA TYR A 241 -1.50 -46.63 -9.18
C TYR A 241 -2.45 -45.49 -9.48
N VAL A 242 -3.50 -45.37 -8.66
CA VAL A 242 -4.49 -44.33 -8.84
C VAL A 242 -3.85 -42.95 -9.00
N TRP A 243 -2.74 -42.69 -8.31
CA TRP A 243 -2.08 -41.41 -8.39
C TRP A 243 -1.36 -41.13 -9.69
N LEU A 244 -0.68 -42.13 -10.25
CA LEU A 244 -0.03 -41.96 -11.54
C LEU A 244 -1.11 -41.75 -12.60
N ASP A 245 -2.18 -42.53 -12.48
CA ASP A 245 -3.37 -42.34 -13.28
C ASP A 245 -3.91 -40.92 -13.12
N ALA A 246 -4.16 -40.51 -11.87
CA ALA A 246 -4.78 -39.22 -11.58
C ALA A 246 -3.93 -38.07 -12.14
N LEU A 247 -2.62 -38.12 -11.90
CA LEU A 247 -1.73 -37.03 -12.31
C LEU A 247 -1.74 -36.87 -13.81
N THR A 248 -1.84 -37.99 -14.52
CA THR A 248 -1.85 -37.96 -15.98
C THR A 248 -3.02 -37.10 -16.52
N ASN A 249 -4.01 -36.81 -15.70
CA ASN A 249 -5.14 -35.98 -16.14
C ASN A 249 -4.66 -34.65 -16.73
N TYR A 250 -3.54 -34.14 -16.21
CA TYR A 250 -3.04 -32.86 -16.67
C TYR A 250 -2.56 -32.98 -18.10
N LEU A 251 -1.83 -34.05 -18.39
CA LEU A 251 -1.34 -34.34 -19.73
C LEU A 251 -2.51 -34.64 -20.66
N THR A 252 -3.45 -35.45 -20.20
CA THR A 252 -4.66 -35.69 -20.98
C THR A 252 -5.35 -34.38 -21.37
N GLY A 253 -5.74 -33.56 -20.40
CA GLY A 253 -6.47 -32.32 -20.67
C GLY A 253 -5.73 -31.41 -21.63
N SER A 254 -4.40 -31.48 -21.58
CA SER A 254 -3.59 -30.67 -22.47
C SER A 254 -3.67 -31.16 -23.92
N ARG A 255 -4.20 -32.37 -24.09
CA ARG A 255 -4.28 -33.02 -25.41
C ARG A 255 -5.70 -33.19 -25.97
N LEU A 256 -6.71 -32.70 -25.26
CA LEU A 256 -8.10 -32.86 -25.68
C LEU A 256 -8.60 -31.63 -26.42
N ARG A 257 -9.11 -31.85 -27.64
CA ARG A 257 -9.90 -30.85 -28.33
C ARG A 257 -11.33 -30.91 -27.82
N VAL A 258 -11.86 -29.76 -27.43
CA VAL A 258 -13.15 -29.67 -26.78
C VAL A 258 -14.10 -28.82 -27.64
N ASP A 259 -15.33 -29.27 -27.85
CA ASP A 259 -16.32 -28.51 -28.63
C ASP A 259 -16.95 -27.38 -27.79
N GLU A 260 -18.04 -26.78 -28.28
CA GLU A 260 -18.68 -25.64 -27.58
C GLU A 260 -19.46 -26.08 -26.34
N SER A 261 -20.05 -27.28 -26.39
CA SER A 261 -20.71 -27.88 -25.22
C SER A 261 -19.76 -28.16 -24.05
N GLY A 262 -18.46 -28.12 -24.31
CA GLY A 262 -17.46 -28.55 -23.34
C GLY A 262 -17.28 -30.05 -23.34
N LYS A 263 -17.81 -30.71 -24.37
CA LYS A 263 -17.64 -32.14 -24.54
C LYS A 263 -16.32 -32.36 -25.24
N GLU A 264 -15.62 -33.44 -24.89
CA GLU A 264 -14.36 -33.78 -25.53
C GLU A 264 -14.66 -34.39 -26.90
N VAL A 265 -13.89 -34.01 -27.92
CA VAL A 265 -14.13 -34.54 -29.27
C VAL A 265 -12.92 -35.20 -29.95
N SER A 266 -11.71 -34.97 -29.44
CA SER A 266 -10.53 -35.61 -30.02
C SER A 266 -9.35 -35.60 -29.07
N LEU A 267 -8.53 -36.63 -29.13
CA LEU A 267 -7.30 -36.70 -28.37
C LEU A 267 -6.13 -36.54 -29.34
N VAL A 268 -5.39 -35.43 -29.24
CA VAL A 268 -4.24 -35.21 -30.11
C VAL A 268 -3.06 -36.11 -29.69
N ASP A 269 -2.24 -36.46 -30.68
CA ASP A 269 -1.13 -37.40 -30.50
C ASP A 269 -0.02 -36.85 -29.62
N ASP A 270 0.15 -35.54 -29.68
CA ASP A 270 1.35 -34.88 -29.22
C ASP A 270 0.93 -33.59 -28.53
N PHE A 271 1.44 -33.33 -27.32
CA PHE A 271 0.95 -32.19 -26.53
C PHE A 271 1.11 -30.81 -27.22
N ASN A 272 2.07 -30.70 -28.14
CA ASN A 272 2.38 -29.41 -28.74
C ASN A 272 1.25 -28.91 -29.63
N GLU A 273 0.50 -29.80 -30.24
CA GLU A 273 -0.57 -29.39 -31.15
C GLU A 273 -1.51 -28.35 -30.50
N LEU A 274 -1.80 -28.50 -29.20
CA LEU A 274 -2.71 -27.57 -28.53
C LEU A 274 -2.00 -26.47 -27.72
N GLU A 275 -0.67 -26.53 -27.64
CA GLU A 275 0.15 -25.48 -27.01
C GLU A 275 -0.19 -25.19 -25.53
N ARG A 276 -0.60 -26.21 -24.77
CA ARG A 276 -1.02 -26.02 -23.37
C ARG A 276 -0.05 -26.59 -22.32
N PHE A 277 0.47 -27.78 -22.58
CA PHE A 277 1.36 -28.46 -21.65
C PHE A 277 2.73 -27.80 -21.75
N PRO A 278 3.45 -27.66 -20.63
CA PRO A 278 3.11 -28.02 -19.27
C PRO A 278 2.28 -26.96 -18.58
N ALA A 279 1.58 -27.34 -17.51
CA ALA A 279 0.75 -26.42 -16.76
C ALA A 279 1.59 -25.25 -16.30
N ASP A 280 1.05 -24.05 -16.46
CA ASP A 280 1.70 -22.84 -15.97
C ASP A 280 1.50 -22.68 -14.48
N VAL A 281 0.43 -23.28 -13.96
CA VAL A 281 0.11 -23.30 -12.54
C VAL A 281 -0.76 -24.53 -12.22
N HIS A 282 -0.29 -25.36 -11.30
CA HIS A 282 -1.13 -26.40 -10.72
C HIS A 282 -1.63 -25.89 -9.38
N VAL A 283 -2.90 -25.53 -9.28
CA VAL A 283 -3.49 -25.28 -7.96
C VAL A 283 -3.69 -26.62 -7.27
N ILE A 284 -3.17 -26.76 -6.06
CA ILE A 284 -3.43 -27.92 -5.18
C ILE A 284 -3.69 -27.49 -3.73
N GLY A 285 -3.98 -28.44 -2.86
CA GLY A 285 -4.06 -28.20 -1.42
C GLY A 285 -2.86 -28.80 -0.70
N LYS A 286 -2.67 -28.44 0.56
CA LYS A 286 -1.45 -28.84 1.28
C LYS A 286 -1.34 -30.34 1.45
N ASP A 287 -2.48 -31.02 1.46
CA ASP A 287 -2.51 -32.46 1.65
C ASP A 287 -1.95 -33.31 0.51
N ILE A 288 -1.81 -32.72 -0.68
CA ILE A 288 -1.36 -33.48 -1.84
C ILE A 288 -0.09 -32.89 -2.50
N LEU A 289 0.77 -32.34 -1.67
CA LEU A 289 1.98 -31.69 -2.16
C LEU A 289 3.00 -32.66 -2.80
N LYS A 290 3.22 -33.82 -2.18
CA LYS A 290 4.34 -34.66 -2.60
C LYS A 290 4.11 -35.22 -3.97
N PHE A 291 2.84 -35.44 -4.31
CA PHE A 291 2.45 -36.05 -5.59
C PHE A 291 2.77 -35.10 -6.74
N HIS A 292 2.63 -33.81 -6.48
CA HIS A 292 2.84 -32.77 -7.50
C HIS A 292 4.25 -32.24 -7.54
N ALA A 293 4.90 -32.19 -6.38
CA ALA A 293 6.25 -31.61 -6.26
C ALA A 293 7.37 -32.64 -6.37
N ILE A 294 7.08 -33.91 -6.16
CA ILE A 294 8.10 -34.96 -6.23
C ILE A 294 7.83 -35.98 -7.31
N TYR A 295 6.67 -36.62 -7.27
CA TYR A 295 6.34 -37.70 -8.21
C TYR A 295 6.12 -37.15 -9.61
N TRP A 296 5.18 -36.21 -9.70
CA TRP A 296 4.78 -35.62 -10.99
C TRP A 296 5.96 -35.23 -11.82
N PRO A 297 6.90 -34.43 -11.27
CA PRO A 297 8.06 -34.11 -12.08
C PRO A 297 8.95 -35.31 -12.37
N ALA A 298 9.09 -36.23 -11.41
CA ALA A 298 9.96 -37.38 -11.59
C ALA A 298 9.43 -38.22 -12.75
N PHE A 299 8.11 -38.33 -12.84
CA PHE A 299 7.49 -39.02 -13.96
C PHE A 299 7.79 -38.28 -15.25
N LEU A 300 7.60 -36.97 -15.23
CA LEU A 300 7.78 -36.16 -16.43
C LEU A 300 9.23 -36.21 -16.90
N LEU A 301 10.17 -36.13 -15.95
CA LEU A 301 11.61 -36.20 -16.26
C LEU A 301 11.93 -37.55 -16.90
N SER A 302 11.36 -38.62 -16.37
CA SER A 302 11.56 -39.93 -16.96
C SER A 302 11.06 -39.98 -18.39
N ALA A 303 9.83 -39.56 -18.61
CA ALA A 303 9.23 -39.62 -19.94
C ALA A 303 9.76 -38.55 -20.92
N GLY A 304 10.67 -37.68 -20.48
CA GLY A 304 11.19 -36.65 -21.36
C GLY A 304 10.17 -35.59 -21.75
N LEU A 305 9.19 -35.36 -20.87
CA LEU A 305 8.19 -34.29 -21.01
C LEU A 305 8.66 -33.08 -20.21
N PRO A 306 8.12 -31.88 -20.51
CA PRO A 306 8.51 -30.68 -19.79
C PRO A 306 7.81 -30.56 -18.46
N LEU A 307 8.48 -29.92 -17.51
CA LEU A 307 7.95 -29.80 -16.15
C LEU A 307 7.06 -28.58 -16.06
N PRO A 308 6.09 -28.59 -15.13
CA PRO A 308 5.23 -27.43 -14.91
C PRO A 308 6.03 -26.24 -14.42
N LYS A 309 5.40 -25.08 -14.43
CA LYS A 309 6.12 -23.85 -14.15
C LYS A 309 5.96 -23.48 -12.69
N LYS A 310 4.75 -23.66 -12.17
CA LYS A 310 4.42 -23.35 -10.79
C LYS A 310 3.44 -24.37 -10.23
N ILE A 311 3.69 -24.82 -9.00
CA ILE A 311 2.70 -25.47 -8.18
C ILE A 311 2.37 -24.49 -7.07
N VAL A 312 1.08 -24.21 -6.84
CA VAL A 312 0.70 -23.38 -5.70
C VAL A 312 -0.19 -24.17 -4.77
N ALA A 313 0.22 -24.31 -3.52
CA ALA A 313 -0.46 -25.18 -2.56
C ALA A 313 -1.06 -24.31 -1.47
N HIS A 314 -2.39 -24.16 -1.51
CA HIS A 314 -3.11 -23.31 -0.55
C HIS A 314 -3.22 -23.97 0.81
N GLY A 315 -3.83 -23.26 1.76
CA GLY A 315 -3.87 -23.70 3.16
C GLY A 315 -4.96 -24.70 3.56
N TRP A 316 -5.89 -24.98 2.66
CA TRP A 316 -6.96 -25.94 2.95
C TRP A 316 -6.53 -27.35 2.65
N TRP A 317 -7.31 -28.32 3.13
CA TRP A 317 -7.18 -29.72 2.71
C TRP A 317 -8.05 -29.92 1.50
N THR A 318 -7.49 -30.35 0.39
CA THR A 318 -8.31 -30.64 -0.79
C THR A 318 -9.43 -31.64 -0.45
N LYS A 319 -9.13 -32.58 0.45
CA LYS A 319 -10.11 -33.55 0.94
C LYS A 319 -10.51 -33.26 2.38
N ASP A 320 -11.49 -34.02 2.89
CA ASP A 320 -11.77 -34.20 4.34
C ASP A 320 -12.69 -33.12 4.94
N ARG A 321 -13.34 -33.45 6.05
CA ARG A 321 -14.27 -32.52 6.74
C ARG A 321 -13.75 -32.09 8.11
N LYS A 322 -13.18 -30.89 8.15
CA LYS A 322 -12.61 -30.32 9.38
C LYS A 322 -13.12 -28.90 9.63
N LYS A 323 -13.09 -28.49 10.91
CA LYS A 323 -13.72 -27.25 11.44
C LYS A 323 -15.23 -27.39 11.57
N ASN A 330 -18.23 -24.32 11.77
CA ASN A 330 -18.04 -23.74 10.44
C ASN A 330 -18.52 -24.65 9.32
N VAL A 331 -19.80 -25.03 9.36
CA VAL A 331 -20.40 -25.89 8.33
C VAL A 331 -20.95 -25.05 7.17
N PHE A 332 -20.38 -25.26 5.99
CA PHE A 332 -20.62 -24.44 4.81
C PHE A 332 -21.17 -25.29 3.69
N ASP A 333 -22.34 -24.96 3.19
CA ASP A 333 -22.71 -25.45 1.86
C ASP A 333 -22.40 -24.30 0.90
N PRO A 334 -21.50 -24.54 -0.07
CA PRO A 334 -21.10 -23.45 -0.95
C PRO A 334 -22.31 -22.81 -1.61
N VAL A 335 -23.23 -23.63 -2.10
CA VAL A 335 -24.40 -23.13 -2.80
C VAL A 335 -25.45 -22.52 -1.84
N GLU A 336 -25.58 -23.06 -0.63
CA GLU A 336 -26.53 -22.47 0.32
C GLU A 336 -26.04 -21.14 0.88
N LYS A 337 -24.72 -20.99 1.03
CA LYS A 337 -24.17 -19.70 1.47
C LYS A 337 -24.18 -18.69 0.31
N ALA A 338 -24.02 -19.19 -0.91
CA ALA A 338 -24.04 -18.33 -2.09
C ALA A 338 -25.41 -17.72 -2.22
N GLU A 339 -26.44 -18.56 -2.20
CA GLU A 339 -27.83 -18.09 -2.27
C GLU A 339 -28.15 -17.14 -1.11
N GLU A 340 -27.55 -17.38 0.06
CA GLU A 340 -27.74 -16.53 1.25
C GLU A 340 -27.04 -15.17 1.11
N PHE A 341 -25.71 -15.17 0.96
CA PHE A 341 -24.94 -13.91 0.95
C PHE A 341 -24.58 -13.39 -0.44
N GLY A 342 -24.73 -14.22 -1.47
CA GLY A 342 -24.39 -13.83 -2.83
C GLY A 342 -23.19 -14.61 -3.34
N TYR A 343 -23.17 -14.86 -4.64
CA TYR A 343 -22.12 -15.67 -5.26
C TYR A 343 -20.76 -14.96 -5.26
N ASP A 344 -20.68 -13.81 -5.91
CA ASP A 344 -19.45 -13.06 -5.94
C ASP A 344 -18.97 -12.71 -4.54
N ALA A 345 -19.90 -12.33 -3.66
CA ALA A 345 -19.57 -11.98 -2.29
C ALA A 345 -18.92 -13.18 -1.58
N LEU A 346 -19.51 -14.35 -1.74
CA LEU A 346 -18.96 -15.55 -1.14
C LEU A 346 -17.54 -15.77 -1.63
N LYS A 347 -17.35 -15.73 -2.95
CA LYS A 347 -16.06 -16.01 -3.56
C LYS A 347 -15.01 -15.01 -3.08
N TYR A 348 -15.37 -13.74 -3.12
CA TYR A 348 -14.53 -12.70 -2.53
C TYR A 348 -14.14 -13.08 -1.10
N PHE A 349 -15.13 -13.43 -0.29
CA PHE A 349 -14.85 -13.72 1.10
C PHE A 349 -13.82 -14.84 1.27
N LEU A 350 -14.01 -15.95 0.57
CA LEU A 350 -13.07 -17.06 0.68
C LEU A 350 -11.67 -16.64 0.24
N LEU A 351 -11.58 -15.90 -0.86
CA LEU A 351 -10.29 -15.48 -1.41
C LEU A 351 -9.58 -14.43 -0.56
N ARG A 352 -10.35 -13.51 0.02
CA ARG A 352 -9.85 -12.48 0.93
C ARG A 352 -9.48 -13.00 2.32
N GLU A 353 -10.34 -13.83 2.91
CA GLU A 353 -10.17 -14.22 4.32
C GLU A 353 -9.09 -15.28 4.52
N SER A 354 -8.79 -16.02 3.46
CA SER A 354 -7.86 -17.15 3.55
C SER A 354 -6.52 -16.85 2.87
N GLY A 355 -5.46 -16.85 3.66
CA GLY A 355 -4.10 -16.80 3.14
C GLY A 355 -3.50 -18.20 3.09
N PHE A 356 -2.19 -18.26 2.92
CA PHE A 356 -1.50 -19.53 2.65
C PHE A 356 -1.41 -20.46 3.85
N SER A 357 -1.49 -19.90 5.05
CA SER A 357 -1.80 -20.69 6.23
C SER A 357 -3.20 -20.29 6.70
N ASP A 358 -4.11 -21.26 6.83
CA ASP A 358 -5.51 -20.98 7.19
C ASP A 358 -5.70 -20.64 8.69
N ASP A 359 -5.36 -19.41 9.04
CA ASP A 359 -5.77 -18.81 10.30
C ASP A 359 -7.09 -18.07 10.09
N GLY A 360 -7.98 -18.66 9.28
CA GLY A 360 -9.15 -17.93 8.78
C GLY A 360 -10.37 -18.01 9.66
N ASP A 361 -11.04 -16.87 9.82
CA ASP A 361 -12.30 -16.74 10.55
C ASP A 361 -13.44 -16.76 9.54
N TYR A 362 -14.10 -17.91 9.38
CA TYR A 362 -15.17 -18.08 8.39
C TYR A 362 -16.59 -17.99 8.98
N SER A 363 -16.69 -17.46 10.20
CA SER A 363 -17.97 -17.27 10.88
C SER A 363 -18.89 -16.37 10.08
N ASP A 364 -20.19 -16.52 10.29
CA ASP A 364 -21.16 -15.60 9.72
C ASP A 364 -20.82 -14.16 10.09
N LYS A 365 -20.44 -13.94 11.34
CA LYS A 365 -20.10 -12.61 11.84
C LYS A 365 -19.08 -11.93 10.92
N ASN A 366 -18.01 -12.65 10.60
CA ASN A 366 -16.92 -12.07 9.80
C ASN A 366 -17.29 -11.86 8.32
N MET A 367 -18.04 -12.81 7.77
CA MET A 367 -18.56 -12.68 6.42
C MET A 367 -19.38 -11.41 6.29
N ILE A 368 -20.29 -11.21 7.23
CA ILE A 368 -21.13 -10.02 7.25
C ILE A 368 -20.25 -8.78 7.43
N ALA A 369 -19.28 -8.83 8.33
CA ALA A 369 -18.39 -7.71 8.55
C ALA A 369 -17.64 -7.30 7.27
N ARG A 370 -17.21 -8.27 6.46
CA ARG A 370 -16.50 -7.98 5.22
C ARG A 370 -17.42 -7.55 4.07
N LEU A 371 -18.53 -8.23 3.91
CA LEU A 371 -19.50 -7.82 2.92
C LEU A 371 -19.95 -6.38 3.21
N ASN A 372 -20.31 -6.10 4.46
CA ASN A 372 -20.75 -4.75 4.85
C ASN A 372 -19.60 -3.78 4.79
N GLY A 373 -18.49 -4.15 5.42
CA GLY A 373 -17.30 -3.30 5.44
C GLY A 373 -16.75 -3.00 4.06
N GLU A 374 -16.23 -4.02 3.38
CA GLU A 374 -15.47 -3.77 2.15
C GLU A 374 -16.35 -3.69 0.91
N LEU A 375 -17.23 -4.67 0.69
CA LEU A 375 -18.04 -4.71 -0.53
C LEU A 375 -19.14 -3.66 -0.61
N ALA A 376 -19.79 -3.35 0.51
CA ALA A 376 -20.88 -2.36 0.54
C ALA A 376 -20.37 -0.94 0.80
N ASP A 377 -19.66 -0.74 1.92
CA ASP A 377 -19.14 0.60 2.27
C ASP A 377 -18.03 1.07 1.33
N THR A 378 -16.97 0.29 1.17
CA THR A 378 -15.85 0.79 0.38
C THR A 378 -16.08 0.77 -1.13
N LEU A 379 -16.33 -0.41 -1.70
CA LEU A 379 -16.51 -0.50 -3.15
C LEU A 379 -17.89 0.02 -3.54
N GLY A 380 -18.92 -0.54 -2.91
CA GLY A 380 -20.30 -0.18 -3.22
C GLY A 380 -20.65 1.29 -3.11
N ASN A 381 -20.35 1.91 -1.98
CA ASN A 381 -20.70 3.31 -1.80
C ASN A 381 -19.97 4.22 -2.79
N LEU A 382 -18.74 3.84 -3.11
CA LEU A 382 -17.93 4.60 -4.06
C LEU A 382 -18.52 4.61 -5.46
N VAL A 383 -19.05 3.47 -5.90
CA VAL A 383 -19.68 3.37 -7.22
C VAL A 383 -20.92 4.27 -7.28
N MET A 384 -21.75 4.17 -6.24
CA MET A 384 -22.99 4.95 -6.17
C MET A 384 -22.75 6.46 -6.08
N ARG A 385 -21.66 6.88 -5.45
CA ARG A 385 -21.31 8.31 -5.39
C ARG A 385 -20.99 8.86 -6.78
N CYS A 386 -20.00 8.28 -7.46
CA CYS A 386 -19.54 8.82 -8.74
C CYS A 386 -20.53 8.64 -9.90
N THR A 387 -21.63 7.94 -9.66
CA THR A 387 -22.74 7.82 -10.62
C THR A 387 -24.04 8.51 -10.17
N SER A 388 -24.09 8.99 -8.94
CA SER A 388 -25.29 9.65 -8.44
C SER A 388 -25.70 10.84 -9.31
N ALA A 389 -27.00 10.97 -9.58
CA ALA A 389 -27.53 12.15 -10.27
C ALA A 389 -27.20 13.42 -9.49
N LYS A 390 -27.13 13.28 -8.16
CA LYS A 390 -26.72 14.34 -7.25
C LYS A 390 -25.34 14.89 -7.60
N ILE A 391 -24.35 14.00 -7.67
CA ILE A 391 -22.97 14.43 -7.87
C ILE A 391 -22.63 14.56 -9.35
N ASN A 392 -22.83 13.46 -10.08
CA ASN A 392 -22.60 13.44 -11.52
C ASN A 392 -23.88 13.91 -12.22
N VAL A 393 -24.01 15.23 -12.32
CA VAL A 393 -25.25 15.89 -12.71
C VAL A 393 -25.63 15.64 -14.17
N ASN A 394 -24.63 15.49 -15.02
CA ASN A 394 -24.84 15.26 -16.44
C ASN A 394 -24.70 13.80 -16.85
N GLY A 395 -24.52 12.92 -15.86
CA GLY A 395 -24.42 11.49 -16.09
C GLY A 395 -23.43 11.12 -17.18
N GLU A 396 -22.18 11.55 -16.99
CA GLU A 396 -21.14 11.33 -17.98
C GLU A 396 -19.77 11.47 -17.34
N TRP A 397 -18.77 10.98 -18.06
CA TRP A 397 -17.38 11.17 -17.68
C TRP A 397 -16.94 12.57 -18.02
N PRO A 398 -16.69 13.42 -16.99
CA PRO A 398 -16.27 14.79 -17.30
C PRO A 398 -14.84 14.88 -17.79
N SER A 399 -14.52 15.98 -18.47
CA SER A 399 -13.13 16.33 -18.79
C SER A 399 -12.51 16.97 -17.56
N PRO A 400 -11.43 16.39 -17.03
CA PRO A 400 -10.82 17.04 -15.88
C PRO A 400 -10.19 18.39 -16.22
N ALA A 401 -10.19 19.31 -15.26
CA ALA A 401 -9.43 20.55 -15.35
C ALA A 401 -8.01 20.27 -14.89
N ALA A 402 -7.34 21.26 -14.31
CA ALA A 402 -5.97 21.06 -13.81
C ALA A 402 -5.93 20.20 -12.53
N TYR A 403 -4.89 19.37 -12.45
CA TYR A 403 -4.72 18.48 -11.31
C TYR A 403 -3.89 19.14 -10.22
N THR A 404 -4.36 19.02 -8.98
CA THR A 404 -3.61 19.43 -7.79
C THR A 404 -2.63 18.33 -7.40
N GLU A 405 -1.78 18.60 -6.41
CA GLU A 405 -0.85 17.56 -5.89
C GLU A 405 -1.55 16.40 -5.18
N GLU A 406 -2.67 16.69 -4.53
CA GLU A 406 -3.49 15.62 -3.99
C GLU A 406 -4.09 14.78 -5.13
N ASP A 407 -4.63 15.44 -6.16
CA ASP A 407 -5.13 14.75 -7.34
C ASP A 407 -4.10 13.78 -7.85
N GLU A 408 -2.88 14.26 -8.05
CA GLU A 408 -1.85 13.43 -8.64
C GLU A 408 -1.33 12.33 -7.72
N SER A 409 -1.42 12.54 -6.42
CA SER A 409 -1.01 11.50 -5.47
C SER A 409 -1.93 10.29 -5.59
N LEU A 410 -3.22 10.55 -5.77
CA LEU A 410 -4.21 9.48 -5.95
C LEU A 410 -4.06 8.83 -7.32
N ILE A 411 -3.79 9.67 -8.32
CA ILE A 411 -3.58 9.21 -9.69
C ILE A 411 -2.38 8.26 -9.76
N GLN A 412 -1.36 8.58 -8.98
CA GLN A 412 -0.16 7.77 -8.94
C GLN A 412 -0.51 6.39 -8.40
N LEU A 413 -1.30 6.37 -7.34
CA LEU A 413 -1.73 5.11 -6.75
C LEU A 413 -2.46 4.25 -7.78
N ILE A 414 -3.42 4.87 -8.45
CA ILE A 414 -4.22 4.19 -9.46
C ILE A 414 -3.36 3.73 -10.64
N LYS A 415 -2.35 4.52 -11.00
CA LYS A 415 -1.44 4.12 -12.08
C LYS A 415 -0.57 2.95 -11.69
N ASP A 416 -0.22 2.84 -10.42
CA ASP A 416 0.67 1.79 -9.98
C ASP A 416 -0.09 0.50 -9.63
N LEU A 417 -1.40 0.60 -9.49
CA LEU A 417 -2.19 -0.55 -9.03
C LEU A 417 -2.09 -1.77 -9.95
N PRO A 418 -2.12 -1.55 -11.27
CA PRO A 418 -2.08 -2.70 -12.18
C PRO A 418 -0.77 -3.45 -12.09
N GLY A 419 0.35 -2.73 -12.00
CA GLY A 419 1.65 -3.36 -11.90
C GLY A 419 1.70 -4.25 -10.69
N THR A 420 1.21 -3.72 -9.57
CA THR A 420 1.23 -4.43 -8.29
C THR A 420 0.27 -5.59 -8.30
N ALA A 421 -0.97 -5.34 -8.70
CA ALA A 421 -1.97 -6.39 -8.79
C ALA A 421 -1.51 -7.51 -9.73
N ASP A 422 -0.89 -7.13 -10.84
CA ASP A 422 -0.32 -8.11 -11.78
C ASP A 422 0.64 -9.08 -11.12
N HIS A 423 1.60 -8.55 -10.37
CA HIS A 423 2.61 -9.40 -9.72
C HIS A 423 2.00 -10.35 -8.72
N TYR A 424 1.06 -9.84 -7.91
CA TYR A 424 0.39 -10.66 -6.91
C TYR A 424 -0.37 -11.83 -7.54
N TYR A 425 -1.13 -11.55 -8.61
CA TYR A 425 -1.81 -12.60 -9.37
C TYR A 425 -0.85 -13.64 -9.99
N LEU A 426 0.37 -13.23 -10.30
CA LEU A 426 1.31 -14.11 -10.99
C LEU A 426 2.16 -14.98 -10.06
N ILE A 427 2.13 -14.67 -8.76
CA ILE A 427 2.91 -15.43 -7.78
C ILE A 427 2.51 -16.91 -7.73
N PRO A 428 1.20 -17.20 -7.52
CA PRO A 428 0.08 -16.30 -7.34
C PRO A 428 -0.42 -16.19 -5.90
N ASP A 429 -0.73 -14.98 -5.47
CA ASP A 429 -1.26 -14.73 -4.16
C ASP A 429 -2.46 -13.82 -4.34
N ILE A 430 -3.63 -14.44 -4.50
CA ILE A 430 -4.87 -13.70 -4.78
C ILE A 430 -5.32 -12.80 -3.63
N GLN A 431 -5.07 -13.25 -2.39
CA GLN A 431 -5.32 -12.41 -1.20
C GLN A 431 -4.54 -11.09 -1.25
N LYS A 432 -3.26 -11.16 -1.58
CA LYS A 432 -2.47 -9.94 -1.68
C LYS A 432 -2.98 -9.02 -2.78
N ALA A 433 -3.45 -9.62 -3.88
CA ALA A 433 -4.00 -8.85 -4.98
C ALA A 433 -5.27 -8.10 -4.56
N ILE A 434 -6.13 -8.75 -3.79
CA ILE A 434 -7.36 -8.09 -3.33
C ILE A 434 -7.01 -6.93 -2.39
N ILE A 435 -6.11 -7.18 -1.46
CA ILE A 435 -5.70 -6.18 -0.49
C ILE A 435 -5.11 -5.01 -1.26
N ALA A 436 -4.28 -5.30 -2.25
CA ALA A 436 -3.66 -4.24 -3.07
C ALA A 436 -4.73 -3.37 -3.68
N VAL A 437 -5.73 -3.98 -4.30
CA VAL A 437 -6.78 -3.22 -4.95
C VAL A 437 -7.53 -2.38 -3.93
N PHE A 438 -7.98 -3.01 -2.85
CA PHE A 438 -8.79 -2.32 -1.86
C PHE A 438 -8.03 -1.24 -1.10
N ASP A 439 -6.71 -1.35 -0.99
CA ASP A 439 -5.91 -0.24 -0.44
C ASP A 439 -6.18 1.00 -1.29
N VAL A 440 -6.12 0.83 -2.61
CA VAL A 440 -6.38 1.92 -3.55
C VAL A 440 -7.82 2.39 -3.53
N LEU A 441 -8.77 1.52 -3.17
CA LEU A 441 -10.16 1.93 -3.05
C LEU A 441 -10.38 2.77 -1.78
N ARG A 442 -9.81 2.34 -0.66
CA ARG A 442 -9.90 3.11 0.58
C ARG A 442 -9.32 4.52 0.36
N ALA A 443 -8.27 4.60 -0.44
CA ALA A 443 -7.65 5.87 -0.79
C ALA A 443 -8.60 6.75 -1.59
N ILE A 444 -9.23 6.17 -2.59
CA ILE A 444 -10.21 6.91 -3.40
C ILE A 444 -11.32 7.48 -2.50
N ASN A 445 -11.83 6.66 -1.58
CA ASN A 445 -12.89 7.10 -0.68
C ASN A 445 -12.46 8.26 0.22
N ALA A 446 -11.19 8.27 0.61
CA ALA A 446 -10.64 9.31 1.46
C ALA A 446 -10.51 10.61 0.68
N TYR A 447 -10.15 10.48 -0.59
CA TYR A 447 -10.10 11.61 -1.52
C TYR A 447 -11.48 12.25 -1.66
N VAL A 448 -12.48 11.43 -1.95
CA VAL A 448 -13.85 11.92 -2.15
C VAL A 448 -14.35 12.60 -0.88
N THR A 449 -14.11 11.96 0.26
CA THR A 449 -14.45 12.53 1.56
C THR A 449 -13.89 13.94 1.77
N ASP A 450 -12.61 14.12 1.44
CA ASP A 450 -11.98 15.44 1.56
C ASP A 450 -12.57 16.42 0.59
N MET A 451 -12.69 16.00 -0.66
CA MET A 451 -13.08 16.91 -1.72
C MET A 451 -14.56 17.30 -1.66
N ALA A 452 -15.37 16.53 -0.94
CA ALA A 452 -16.80 16.86 -0.75
C ALA A 452 -17.46 17.25 -2.07
N PRO A 453 -17.37 16.36 -3.07
CA PRO A 453 -17.87 16.67 -4.41
C PRO A 453 -19.34 17.10 -4.39
N TRP A 454 -20.09 16.57 -3.43
CA TRP A 454 -21.48 16.95 -3.23
C TRP A 454 -21.63 18.42 -2.95
N LYS A 455 -20.68 19.03 -2.26
CA LYS A 455 -20.65 20.49 -2.11
C LYS A 455 -20.16 21.23 -3.36
N LEU A 456 -19.19 20.65 -4.08
CA LEU A 456 -18.61 21.30 -5.27
C LEU A 456 -19.62 21.53 -6.39
N VAL A 457 -20.68 20.70 -6.44
CA VAL A 457 -21.72 20.82 -7.46
C VAL A 457 -22.26 22.25 -7.53
N LYS A 458 -22.30 22.87 -6.35
CA LYS A 458 -22.81 24.21 -6.16
C LYS A 458 -21.69 25.25 -6.30
N THR A 459 -20.62 25.07 -5.53
CA THR A 459 -19.51 26.02 -5.48
C THR A 459 -18.64 26.07 -6.74
N ASP A 460 -17.96 24.96 -7.05
CA ASP A 460 -16.88 24.95 -8.04
C ASP A 460 -17.08 23.80 -9.04
N PRO A 461 -17.98 23.95 -10.02
CA PRO A 461 -18.19 22.89 -11.01
C PRO A 461 -16.95 22.54 -11.83
N GLU A 462 -16.06 23.52 -12.06
CA GLU A 462 -14.82 23.28 -12.79
C GLU A 462 -13.98 22.27 -12.02
N ARG A 463 -13.88 22.48 -10.71
CA ARG A 463 -13.16 21.57 -9.82
C ARG A 463 -13.77 20.18 -9.83
N LEU A 464 -15.09 20.12 -9.68
CA LEU A 464 -15.82 18.85 -9.64
C LEU A 464 -15.53 17.97 -10.83
N ARG A 465 -15.36 18.57 -12.00
CA ARG A 465 -15.02 17.79 -13.17
C ARG A 465 -13.76 16.95 -12.89
N THR A 466 -12.73 17.59 -12.35
CA THR A 466 -11.48 16.92 -12.04
C THR A 466 -11.66 15.79 -11.02
N VAL A 467 -12.41 16.09 -9.95
CA VAL A 467 -12.66 15.12 -8.88
C VAL A 467 -13.47 13.91 -9.38
N LEU A 468 -14.57 14.17 -10.06
CA LEU A 468 -15.39 13.11 -10.64
C LEU A 468 -14.60 12.20 -11.58
N TYR A 469 -13.78 12.78 -12.43
CA TYR A 469 -13.06 12.00 -13.43
C TYR A 469 -12.11 11.02 -12.77
N ILE A 470 -11.34 11.50 -11.80
CA ILE A 470 -10.39 10.66 -11.08
C ILE A 470 -11.15 9.55 -10.36
N THR A 471 -12.20 9.91 -9.64
CA THR A 471 -13.04 8.91 -8.95
C THR A 471 -13.57 7.84 -9.90
N LEU A 472 -14.04 8.28 -11.06
CA LEU A 472 -14.61 7.36 -12.02
C LEU A 472 -13.54 6.42 -12.52
N GLU A 473 -12.40 6.99 -12.92
CA GLU A 473 -11.31 6.20 -13.45
C GLU A 473 -10.76 5.25 -12.39
N GLY A 474 -10.67 5.72 -11.14
CA GLY A 474 -10.26 4.89 -10.03
C GLY A 474 -11.16 3.68 -9.91
N VAL A 475 -12.46 3.93 -9.79
CA VAL A 475 -13.45 2.85 -9.73
C VAL A 475 -13.26 1.89 -10.90
N ARG A 476 -13.14 2.44 -12.11
CA ARG A 476 -13.00 1.62 -13.30
C ARG A 476 -11.82 0.67 -13.19
N VAL A 477 -10.64 1.21 -12.88
CA VAL A 477 -9.43 0.40 -12.91
C VAL A 477 -9.42 -0.61 -11.76
N THR A 478 -9.86 -0.22 -10.56
CA THR A 478 -9.97 -1.18 -9.45
C THR A 478 -10.91 -2.32 -9.82
N THR A 479 -12.09 -1.96 -10.32
CA THR A 479 -13.10 -2.93 -10.74
C THR A 479 -12.56 -3.85 -11.83
N LEU A 480 -11.79 -3.29 -12.77
CA LEU A 480 -11.16 -4.12 -13.78
C LEU A 480 -10.30 -5.17 -13.09
N LEU A 481 -9.44 -4.72 -12.19
CA LEU A 481 -8.59 -5.67 -11.47
C LEU A 481 -9.35 -6.57 -10.49
N LEU A 482 -10.54 -6.19 -10.05
CA LEU A 482 -11.35 -7.07 -9.19
C LEU A 482 -12.26 -7.98 -9.99
N SER A 483 -12.22 -7.86 -11.32
CA SER A 483 -13.16 -8.61 -12.16
C SER A 483 -12.99 -10.12 -12.08
N PRO A 484 -11.75 -10.63 -11.94
CA PRO A 484 -11.65 -12.09 -11.75
C PRO A 484 -12.19 -12.58 -10.39
N ILE A 485 -12.51 -11.68 -9.48
CA ILE A 485 -13.00 -12.06 -8.16
C ILE A 485 -14.50 -11.88 -8.14
N LEU A 486 -14.96 -10.76 -8.69
CA LEU A 486 -16.37 -10.40 -8.68
C LEU A 486 -16.87 -10.33 -10.13
N PRO A 487 -16.84 -11.47 -10.85
CA PRO A 487 -17.06 -11.41 -12.30
C PRO A 487 -18.43 -10.88 -12.71
N ARG A 488 -19.46 -11.22 -11.94
CA ARG A 488 -20.80 -10.75 -12.22
C ARG A 488 -20.99 -9.29 -11.84
N LYS A 489 -20.45 -8.91 -10.70
CA LYS A 489 -20.64 -7.56 -10.18
C LYS A 489 -19.72 -6.54 -10.85
N SER A 490 -18.62 -7.00 -11.44
CA SER A 490 -17.78 -6.10 -12.23
C SER A 490 -18.57 -5.68 -13.46
N VAL A 491 -19.33 -6.62 -14.04
CA VAL A 491 -20.20 -6.28 -15.17
C VAL A 491 -21.28 -5.27 -14.75
N VAL A 492 -21.84 -5.45 -13.56
CA VAL A 492 -22.84 -4.48 -13.09
C VAL A 492 -22.18 -3.12 -12.91
N ILE A 493 -20.97 -3.11 -12.35
CA ILE A 493 -20.26 -1.85 -12.17
C ILE A 493 -20.04 -1.18 -13.53
N PHE A 494 -19.34 -1.88 -14.42
CA PHE A 494 -19.01 -1.30 -15.71
C PHE A 494 -20.23 -0.77 -16.45
N ASP A 495 -21.35 -1.49 -16.34
CA ASP A 495 -22.61 -1.02 -16.93
C ASP A 495 -23.02 0.33 -16.34
N MET A 496 -22.91 0.46 -15.02
CA MET A 496 -23.25 1.70 -14.36
C MET A 496 -22.38 2.85 -14.88
N LEU A 497 -21.07 2.62 -14.94
CA LEU A 497 -20.17 3.64 -15.46
C LEU A 497 -20.33 3.85 -16.96
N GLY A 498 -20.92 2.87 -17.64
CA GLY A 498 -21.11 2.98 -19.08
C GLY A 498 -19.82 2.74 -19.85
N VAL A 499 -18.95 1.90 -19.32
CA VAL A 499 -17.70 1.55 -19.98
C VAL A 499 -18.02 0.64 -21.16
N PRO A 500 -17.56 0.99 -22.37
CA PRO A 500 -17.75 0.09 -23.50
C PRO A 500 -17.14 -1.28 -23.26
N GLU A 501 -17.75 -2.31 -23.85
CA GLU A 501 -17.28 -3.70 -23.74
C GLU A 501 -15.79 -3.86 -24.04
N VAL A 502 -15.29 -3.13 -25.04
CA VAL A 502 -13.88 -3.22 -25.45
C VAL A 502 -12.88 -2.79 -24.37
N HIS A 503 -13.31 -1.90 -23.47
CA HIS A 503 -12.43 -1.39 -22.41
C HIS A 503 -12.50 -2.17 -21.13
N ARG A 504 -13.18 -3.33 -21.15
CA ARG A 504 -13.37 -4.16 -19.96
C ARG A 504 -12.37 -5.29 -19.85
N LYS A 505 -11.46 -5.36 -20.80
CA LYS A 505 -10.54 -6.48 -20.98
C LYS A 505 -9.26 -5.90 -21.57
N GLY A 506 -8.14 -6.58 -21.37
CA GLY A 506 -6.90 -6.21 -22.06
C GLY A 506 -6.00 -5.27 -21.29
N ILE A 507 -4.68 -5.49 -21.39
CA ILE A 507 -3.70 -4.70 -20.66
C ILE A 507 -3.69 -3.23 -21.11
N GLU A 508 -4.16 -3.00 -22.33
CA GLU A 508 -4.34 -1.64 -22.84
C GLU A 508 -5.20 -0.83 -21.88
N ASN A 509 -6.15 -1.49 -21.23
CA ASN A 509 -7.14 -0.82 -20.42
C ASN A 509 -6.78 -0.82 -18.93
N PHE A 510 -5.58 -1.30 -18.63
CA PHE A 510 -4.95 -1.12 -17.33
C PHE A 510 -4.46 0.31 -17.15
N GLU A 511 -4.34 1.04 -18.26
CA GLU A 511 -3.79 2.40 -18.25
C GLU A 511 -4.80 3.43 -17.81
N PHE A 512 -4.30 4.45 -17.12
CA PHE A 512 -5.11 5.54 -16.62
C PHE A 512 -5.64 6.33 -17.80
N GLY A 513 -6.96 6.33 -17.96
CA GLY A 513 -7.63 7.17 -18.98
C GLY A 513 -7.96 6.48 -20.28
N ALA A 514 -8.21 5.18 -20.23
CA ALA A 514 -8.55 4.43 -21.43
C ALA A 514 -9.94 4.79 -21.90
N VAL A 515 -10.83 5.11 -20.95
CA VAL A 515 -12.18 5.57 -21.28
C VAL A 515 -12.18 7.08 -21.39
N PRO A 516 -12.61 7.61 -22.54
CA PRO A 516 -12.53 9.03 -22.79
C PRO A 516 -13.65 9.81 -22.09
N PRO A 517 -13.39 11.09 -21.78
CA PRO A 517 -14.45 11.96 -21.27
C PRO A 517 -15.56 12.13 -22.29
N GLY A 518 -16.79 12.31 -21.81
CA GLY A 518 -17.97 12.33 -22.66
C GLY A 518 -18.64 10.98 -22.84
N THR A 519 -18.04 9.91 -22.32
CA THR A 519 -18.69 8.60 -22.27
C THR A 519 -19.89 8.73 -21.33
N ARG A 520 -21.06 8.24 -21.73
CA ARG A 520 -22.26 8.38 -20.89
C ARG A 520 -22.42 7.20 -19.93
N LEU A 521 -22.93 7.47 -18.73
CA LEU A 521 -23.19 6.42 -17.76
C LEU A 521 -24.38 5.55 -18.20
N GLY A 522 -24.45 4.34 -17.65
CA GLY A 522 -25.54 3.43 -17.97
C GLY A 522 -26.81 3.85 -17.24
N PRO A 523 -27.98 3.38 -17.69
CA PRO A 523 -29.24 3.75 -17.04
C PRO A 523 -29.23 3.51 -15.53
N ALA A 524 -29.66 4.52 -14.78
CA ALA A 524 -29.79 4.41 -13.33
C ALA A 524 -31.08 3.65 -13.05
N VAL A 525 -30.96 2.45 -12.47
CA VAL A 525 -32.14 1.61 -12.16
C VAL A 525 -32.74 2.01 -10.79
N GLU A 526 -34.06 1.92 -10.67
CA GLU A 526 -34.77 2.38 -9.47
C GLU A 526 -34.58 1.44 -8.27
N GLY A 527 -34.28 2.02 -7.11
CA GLY A 527 -33.99 1.25 -5.89
C GLY A 527 -32.81 0.30 -6.02
N GLU A 528 -31.82 0.68 -6.82
CA GLU A 528 -30.70 -0.19 -7.16
C GLU A 528 -29.62 -0.22 -6.06
N VAL A 529 -29.30 -1.42 -5.58
CA VAL A 529 -28.19 -1.62 -4.64
C VAL A 529 -27.23 -2.66 -5.23
N LEU A 530 -25.94 -2.38 -5.15
CA LEU A 530 -24.91 -3.24 -5.73
C LEU A 530 -24.56 -4.38 -4.77
N PHE A 531 -24.28 -4.02 -3.52
CA PHE A 531 -24.04 -4.98 -2.44
C PHE A 531 -24.91 -4.57 -1.27
N SER A 532 -25.98 -5.31 -1.04
CA SER A 532 -26.93 -4.97 0.01
C SER A 532 -26.38 -5.35 1.39
N LYS A 533 -26.56 -4.48 2.38
CA LYS A 533 -26.03 -4.69 3.72
C LYS A 533 -26.84 -5.73 4.50
N ARG A 534 -26.16 -6.72 5.09
CA ARG A 534 -26.83 -7.70 5.95
C ARG A 534 -26.92 -7.15 7.36
N SER A 535 -27.81 -7.71 8.15
CA SER A 535 -28.04 -7.26 9.52
C SER A 535 -26.81 -7.51 10.39
N THR A 536 -26.22 -6.41 10.89
CA THR A 536 -25.02 -6.48 11.73
C THR A 536 -25.30 -7.11 13.10
N GLU A 537 -26.53 -6.94 13.59
CA GLU A 537 -26.93 -7.40 14.92
C GLU A 537 -27.54 -8.81 14.88
N ASN A 538 -26.74 -9.82 15.21
CA ASN A 538 -27.15 -11.22 15.08
C ASN A 538 -28.12 -11.73 16.17
N THR A 539 -28.23 -11.00 17.30
CA THR A 539 -29.12 -11.42 18.39
C THR A 539 -29.93 -10.25 18.95
N GLY B 1 5.73 4.53 -10.59
CA GLY B 1 6.04 5.57 -11.63
C GLY B 1 6.92 6.68 -11.07
N PRO B 2 7.41 7.58 -11.96
CA PRO B 2 8.32 8.64 -11.53
C PRO B 2 7.61 9.70 -10.75
N GLY B 3 8.35 10.37 -9.88
CA GLY B 3 7.84 11.51 -9.14
C GLY B 3 7.90 12.78 -9.97
N SER B 4 7.64 13.91 -9.33
CA SER B 4 7.77 15.20 -9.97
C SER B 4 9.26 15.50 -10.08
N MET B 5 9.62 16.33 -11.05
CA MET B 5 11.03 16.68 -11.25
C MET B 5 11.38 17.84 -10.32
N LYS B 6 12.68 18.11 -10.23
CA LYS B 6 13.16 19.22 -9.44
C LYS B 6 12.51 20.52 -9.91
N VAL B 7 12.33 21.46 -8.99
CA VAL B 7 11.92 22.79 -9.34
C VAL B 7 13.14 23.52 -9.87
N GLU B 8 12.89 24.60 -10.60
CA GLU B 8 13.97 25.36 -11.23
C GLU B 8 14.50 26.44 -10.26
N LYS B 9 13.58 27.06 -9.52
CA LYS B 9 13.93 28.09 -8.55
C LYS B 9 14.61 27.48 -7.32
N VAL B 10 15.01 28.31 -6.38
CA VAL B 10 15.35 27.81 -5.06
C VAL B 10 14.04 27.58 -4.32
N PHE B 11 13.87 26.38 -3.79
CA PHE B 11 12.65 26.01 -3.09
C PHE B 11 12.64 26.73 -1.76
N PHE B 12 11.61 27.53 -1.56
CA PHE B 12 11.53 28.46 -0.46
C PHE B 12 10.40 28.02 0.46
N VAL B 13 10.76 27.54 1.66
CA VAL B 13 9.77 27.13 2.67
C VAL B 13 9.94 27.93 3.94
N THR B 14 8.83 28.29 4.57
CA THR B 14 8.85 29.19 5.73
C THR B 14 7.98 28.67 6.88
N SER B 15 8.37 29.05 8.10
CA SER B 15 7.55 28.87 9.29
C SER B 15 6.99 30.24 9.65
N PRO B 16 6.00 30.28 10.54
CA PRO B 16 5.60 31.61 10.97
C PRO B 16 6.75 32.20 11.75
N ILE B 17 6.77 33.51 11.93
CA ILE B 17 7.68 34.12 12.88
C ILE B 17 6.88 34.31 14.17
N TYR B 18 7.53 34.04 15.30
CA TYR B 18 6.83 33.81 16.56
C TYR B 18 6.90 35.00 17.50
N TYR B 19 5.80 35.29 18.19
CA TYR B 19 5.74 36.46 19.04
C TYR B 19 6.56 36.25 20.32
N VAL B 20 7.44 37.19 20.65
CA VAL B 20 8.43 37.00 21.73
C VAL B 20 7.96 37.41 23.14
N ASN B 21 6.64 37.48 23.36
CA ASN B 21 6.09 37.60 24.72
C ASN B 21 5.63 36.27 25.29
N ALA B 22 6.00 35.19 24.61
CA ALA B 22 5.93 33.82 25.14
C ALA B 22 7.28 33.17 24.89
N ALA B 23 7.72 32.36 25.84
CA ALA B 23 8.92 31.54 25.65
C ALA B 23 8.65 30.49 24.58
N PRO B 24 9.70 29.93 23.96
CA PRO B 24 9.50 28.89 22.95
C PRO B 24 8.72 27.69 23.50
N HIS B 25 7.78 27.15 22.73
CA HIS B 25 7.03 25.99 23.19
C HIS B 25 6.69 25.03 22.08
N ILE B 26 5.88 24.03 22.40
CA ILE B 26 5.51 22.96 21.47
C ILE B 26 4.85 23.48 20.17
N GLY B 27 4.08 24.55 20.27
CA GLY B 27 3.52 25.20 19.09
C GLY B 27 4.58 25.59 18.07
N HIS B 28 5.53 26.41 18.52
CA HIS B 28 6.61 26.91 17.65
C HIS B 28 7.50 25.79 17.16
N VAL B 29 7.77 24.83 18.04
CA VAL B 29 8.65 23.72 17.73
C VAL B 29 8.02 22.84 16.63
N TYR B 30 6.73 22.59 16.76
CA TYR B 30 5.99 21.82 15.75
C TYR B 30 6.03 22.52 14.40
N SER B 31 5.61 23.78 14.38
CA SER B 31 5.56 24.52 13.12
C SER B 31 6.90 24.55 12.40
N THR B 32 7.97 24.83 13.12
CA THR B 32 9.30 24.83 12.53
C THR B 32 9.78 23.39 12.19
N LEU B 33 9.23 22.38 12.86
CA LEU B 33 9.57 20.98 12.53
C LEU B 33 9.08 20.65 11.14
N ILE B 34 7.83 21.06 10.85
CA ILE B 34 7.23 20.79 9.55
C ILE B 34 8.02 21.52 8.47
N THR B 35 8.40 22.77 8.76
CA THR B 35 9.22 23.56 7.86
C THR B 35 10.53 22.84 7.61
N ASP B 36 11.20 22.45 8.68
CA ASP B 36 12.50 21.79 8.57
C ASP B 36 12.39 20.54 7.72
N VAL B 37 11.43 19.70 8.05
CA VAL B 37 11.19 18.46 7.32
C VAL B 37 11.00 18.67 5.80
N ILE B 38 10.10 19.58 5.44
CA ILE B 38 9.84 19.90 4.02
C ILE B 38 11.12 20.38 3.37
N GLY B 39 11.85 21.20 4.11
CA GLY B 39 13.17 21.64 3.69
C GLY B 39 14.12 20.49 3.40
N ARG B 40 14.29 19.63 4.39
CA ARG B 40 15.18 18.51 4.25
C ARG B 40 14.81 17.65 3.04
N TYR B 41 13.52 17.43 2.82
CA TYR B 41 13.12 16.55 1.72
C TYR B 41 13.61 17.13 0.39
N HIS B 42 13.32 18.39 0.16
CA HIS B 42 13.70 19.00 -1.11
C HIS B 42 15.20 19.08 -1.25
N ARG B 43 15.92 19.26 -0.15
CA ARG B 43 17.37 19.08 -0.15
C ARG B 43 17.80 17.65 -0.55
N VAL B 44 17.12 16.66 0.01
CA VAL B 44 17.40 15.27 -0.32
C VAL B 44 17.03 14.98 -1.78
N LYS B 45 16.04 15.69 -2.31
CA LYS B 45 15.61 15.50 -3.68
C LYS B 45 16.67 16.02 -4.64
N GLY B 46 17.51 16.94 -4.17
CA GLY B 46 18.58 17.54 -4.97
C GLY B 46 18.33 18.99 -5.38
N GLU B 47 17.33 19.61 -4.76
CA GLU B 47 17.01 21.01 -5.05
C GLU B 47 17.76 21.97 -4.14
N ARG B 48 17.99 23.17 -4.63
CA ARG B 48 18.45 24.27 -3.78
C ARG B 48 17.30 24.63 -2.86
N VAL B 49 17.58 24.66 -1.56
CA VAL B 49 16.54 25.00 -0.59
C VAL B 49 16.95 26.19 0.26
N PHE B 50 15.99 27.06 0.53
CA PHE B 50 16.16 28.11 1.53
C PHE B 50 14.99 28.05 2.49
N ALA B 51 15.26 27.65 3.73
CA ALA B 51 14.20 27.50 4.74
C ALA B 51 14.38 28.56 5.82
N LEU B 52 13.31 29.32 6.03
CA LEU B 52 13.34 30.48 6.92
C LEU B 52 12.45 30.23 8.13
N THR B 53 12.88 30.73 9.27
CA THR B 53 12.05 30.81 10.48
C THR B 53 12.41 32.13 11.20
N GLY B 54 11.72 32.47 12.28
CA GLY B 54 12.06 33.73 12.95
C GLY B 54 11.13 34.24 14.03
N THR B 55 11.35 35.48 14.45
CA THR B 55 10.62 36.06 15.57
C THR B 55 9.98 37.40 15.21
N ASP B 56 8.75 37.57 15.71
CA ASP B 56 7.93 38.76 15.54
C ASP B 56 8.15 39.61 16.79
N GLU B 57 8.92 40.70 16.65
CA GLU B 57 9.49 41.38 17.84
C GLU B 57 8.84 42.71 18.28
N HIS B 58 7.96 43.27 17.46
CA HIS B 58 7.32 44.56 17.77
C HIS B 58 5.98 44.36 18.41
N GLY B 59 5.37 45.45 18.89
CA GLY B 59 4.05 45.36 19.53
C GLY B 59 4.01 45.98 20.91
N GLN B 60 2.82 46.18 21.47
CA GLN B 60 2.70 46.78 22.81
C GLN B 60 2.85 45.77 23.95
N LYS B 61 2.35 44.55 23.74
CA LYS B 61 2.44 43.48 24.74
C LYS B 61 3.90 43.14 25.06
N VAL B 62 4.74 43.16 24.02
CA VAL B 62 6.18 42.92 24.17
C VAL B 62 6.80 44.06 24.95
N ALA B 63 6.48 45.29 24.54
CA ALA B 63 6.97 46.49 25.21
C ALA B 63 6.56 46.47 26.68
N GLU B 64 5.31 46.14 26.94
CA GLU B 64 4.79 46.05 28.31
C GLU B 64 5.46 44.90 29.09
N ALA B 65 5.76 43.81 28.41
CA ALA B 65 6.52 42.70 29.01
C ALA B 65 7.92 43.15 29.45
N ALA B 66 8.60 43.89 28.57
CA ALA B 66 9.93 44.43 28.86
C ALA B 66 9.91 45.46 29.99
N LYS B 67 8.85 46.26 30.06
CA LYS B 67 8.74 47.31 31.08
C LYS B 67 8.64 46.72 32.47
N GLN B 68 7.86 45.65 32.59
CA GLN B 68 7.75 44.93 33.86
C GLN B 68 9.03 44.16 34.21
N LYS B 69 9.79 43.73 33.21
CA LYS B 69 11.09 43.10 33.45
C LYS B 69 12.20 44.14 33.68
N GLN B 70 11.89 45.41 33.42
CA GLN B 70 12.79 46.53 33.65
C GLN B 70 14.07 46.49 32.80
N VAL B 71 13.94 45.99 31.57
CA VAL B 71 14.99 46.04 30.56
C VAL B 71 14.45 46.76 29.34
N SER B 72 15.34 47.13 28.43
CA SER B 72 14.93 47.80 27.17
C SER B 72 14.08 46.83 26.33
N PRO B 73 13.15 47.36 25.50
CA PRO B 73 12.44 46.41 24.67
C PRO B 73 13.37 45.69 23.67
N TYR B 74 14.43 46.36 23.22
CA TYR B 74 15.39 45.73 22.33
C TYR B 74 16.24 44.67 23.07
N ASP B 75 16.67 44.99 24.28
CA ASP B 75 17.31 43.99 25.14
C ASP B 75 16.41 42.78 25.34
N PHE B 76 15.16 43.05 25.68
CA PHE B 76 14.17 42.01 25.94
C PHE B 76 14.01 41.11 24.73
N THR B 77 13.77 41.69 23.57
CA THR B 77 13.53 40.89 22.37
C THR B 77 14.78 40.15 21.89
N THR B 78 15.97 40.71 22.08
CA THR B 78 17.22 40.00 21.76
C THR B 78 17.36 38.76 22.64
N ALA B 79 17.01 38.90 23.91
CA ALA B 79 17.09 37.79 24.86
C ALA B 79 16.16 36.63 24.46
N VAL B 80 14.90 36.94 24.20
CA VAL B 80 13.93 35.90 23.85
C VAL B 80 14.20 35.38 22.45
N ALA B 81 14.66 36.22 21.54
CA ALA B 81 15.10 35.70 20.25
C ALA B 81 16.15 34.59 20.46
N GLY B 82 17.06 34.80 21.42
CA GLY B 82 18.10 33.82 21.75
C GLY B 82 17.54 32.52 22.29
N GLU B 83 16.52 32.63 23.15
CA GLU B 83 15.79 31.48 23.66
C GLU B 83 15.31 30.62 22.49
N PHE B 84 14.77 31.27 21.46
CA PHE B 84 14.27 30.55 20.29
C PHE B 84 15.40 29.93 19.51
N LYS B 85 16.42 30.73 19.19
CA LYS B 85 17.57 30.24 18.45
C LYS B 85 18.21 29.01 19.11
N LYS B 86 18.32 29.05 20.44
CA LYS B 86 18.83 27.91 21.21
C LYS B 86 17.90 26.72 21.08
N CYS B 87 16.60 26.97 21.21
CA CYS B 87 15.62 25.89 21.16
C CYS B 87 15.62 25.11 19.85
N PHE B 88 15.87 25.81 18.75
CA PHE B 88 15.90 25.17 17.44
C PHE B 88 17.24 24.48 17.13
N GLU B 89 18.33 24.88 17.78
CA GLU B 89 19.57 24.10 17.73
C GLU B 89 19.41 22.78 18.48
N GLN B 90 18.83 22.85 19.68
CA GLN B 90 18.64 21.65 20.49
C GLN B 90 17.69 20.66 19.82
N MET B 91 16.72 21.18 19.06
CA MET B 91 15.84 20.35 18.25
C MET B 91 16.52 19.88 16.96
N ASP B 92 17.72 20.38 16.69
CA ASP B 92 18.54 19.87 15.60
C ASP B 92 17.87 20.09 14.25
N TYR B 93 17.22 21.24 14.09
CA TYR B 93 16.67 21.64 12.80
C TYR B 93 17.80 22.05 11.86
N SER B 94 17.47 22.32 10.61
CA SER B 94 18.46 22.76 9.64
C SER B 94 17.87 23.90 8.83
N ILE B 95 17.54 24.98 9.54
CA ILE B 95 16.90 26.14 8.94
C ILE B 95 18.01 27.08 8.49
N ASP B 96 17.83 27.72 7.36
CA ASP B 96 18.91 28.49 6.73
C ASP B 96 19.05 29.90 7.27
N TYR B 97 17.96 30.49 7.75
CA TYR B 97 18.03 31.82 8.32
C TYR B 97 16.98 32.01 9.40
N PHE B 98 17.36 32.77 10.41
CA PHE B 98 16.49 33.14 11.51
C PHE B 98 16.27 34.65 11.42
N ILE B 99 15.14 35.04 10.88
CA ILE B 99 14.84 36.46 10.68
C ILE B 99 14.26 37.08 11.94
N ARG B 100 14.55 38.37 12.14
CA ARG B 100 13.98 39.13 13.25
C ARG B 100 13.44 40.46 12.74
N THR B 101 12.23 40.81 13.16
CA THR B 101 11.58 42.02 12.66
C THR B 101 12.28 43.30 13.14
N THR B 102 13.17 43.17 14.13
CA THR B 102 13.98 44.31 14.56
C THR B 102 15.17 44.53 13.65
N ASN B 103 15.37 43.66 12.68
CA ASN B 103 16.49 43.81 11.76
C ASN B 103 16.31 44.97 10.77
N GLU B 104 17.33 45.81 10.61
CA GLU B 104 17.21 47.00 9.76
C GLU B 104 16.80 46.67 8.32
N GLN B 105 17.32 45.57 7.76
CA GLN B 105 16.97 45.20 6.38
C GLN B 105 15.50 44.90 6.27
N HIS B 106 14.96 44.21 7.27
CA HIS B 106 13.52 43.99 7.33
C HIS B 106 12.72 45.28 7.32
N LYS B 107 13.17 46.27 8.08
CA LYS B 107 12.50 47.58 8.07
C LYS B 107 12.59 48.19 6.67
N ALA B 108 13.77 48.15 6.06
CA ALA B 108 13.94 48.64 4.67
C ALA B 108 12.82 48.11 3.76
N VAL B 109 12.60 46.80 3.83
CA VAL B 109 11.65 46.11 2.96
C VAL B 109 10.20 46.52 3.31
N VAL B 110 9.85 46.52 4.60
CA VAL B 110 8.52 46.93 5.05
C VAL B 110 8.15 48.32 4.53
N LYS B 111 9.10 49.25 4.63
CA LYS B 111 8.89 50.63 4.19
C LYS B 111 8.71 50.66 2.68
N GLU B 112 9.61 49.96 2.01
CA GLU B 112 9.58 49.81 0.57
C GLU B 112 8.25 49.21 0.08
N LEU B 113 7.77 48.17 0.77
CA LEU B 113 6.48 47.55 0.44
C LEU B 113 5.30 48.46 0.80
N TRP B 114 5.36 49.05 1.98
CA TRP B 114 4.35 50.02 2.37
C TRP B 114 4.20 51.11 1.34
N THR B 115 5.32 51.63 0.85
CA THR B 115 5.31 52.73 -0.11
C THR B 115 4.67 52.34 -1.43
N LYS B 116 4.95 51.12 -1.91
CA LYS B 116 4.37 50.67 -3.16
C LYS B 116 2.86 50.61 -3.03
N LEU B 117 2.37 50.03 -1.94
CA LEU B 117 0.94 49.95 -1.68
C LEU B 117 0.28 51.34 -1.63
N GLU B 118 0.99 52.30 -1.06
CA GLU B 118 0.48 53.67 -0.96
C GLU B 118 0.52 54.40 -2.30
N GLN B 119 1.61 54.27 -3.04
CA GLN B 119 1.69 54.84 -4.40
C GLN B 119 0.65 54.25 -5.37
N LYS B 120 0.37 52.95 -5.26
CA LYS B 120 -0.68 52.31 -6.06
C LYS B 120 -2.11 52.67 -5.61
N GLY B 121 -2.23 53.37 -4.48
CA GLY B 121 -3.52 53.84 -3.99
C GLY B 121 -4.32 52.81 -3.20
N ASP B 122 -3.70 51.69 -2.84
CA ASP B 122 -4.35 50.65 -2.06
C ASP B 122 -4.20 50.85 -0.55
N ILE B 123 -3.35 51.81 -0.17
CA ILE B 123 -3.31 52.35 1.19
C ILE B 123 -3.63 53.84 1.15
N TYR B 124 -4.61 54.27 1.94
CA TYR B 124 -4.95 55.69 2.03
C TYR B 124 -4.98 56.14 3.48
N LEU B 125 -4.84 57.45 3.68
CA LEU B 125 -4.93 58.04 5.01
C LEU B 125 -6.33 58.60 5.24
N GLY B 126 -6.88 58.36 6.42
CA GLY B 126 -8.22 58.84 6.73
C GLY B 126 -8.44 59.03 8.22
N ARG B 127 -9.29 59.98 8.56
CA ARG B 127 -9.67 60.24 9.94
C ARG B 127 -10.75 59.26 10.39
N TYR B 128 -10.37 58.35 11.29
CA TYR B 128 -11.36 57.49 11.93
C TYR B 128 -12.05 58.28 13.02
N GLU B 129 -13.38 58.16 13.08
CA GLU B 129 -14.20 58.93 14.00
C GLU B 129 -15.26 58.00 14.56
N GLY B 130 -14.89 57.22 15.56
CA GLY B 130 -15.79 56.24 16.14
C GLY B 130 -15.37 55.81 17.52
N TRP B 131 -15.89 54.68 17.98
CA TRP B 131 -15.55 54.13 19.29
C TRP B 131 -14.26 53.35 19.23
N TYR B 132 -13.40 53.61 20.21
CA TYR B 132 -12.15 52.88 20.39
C TYR B 132 -12.13 52.31 21.79
N SER B 133 -11.40 51.21 21.96
CA SER B 133 -11.23 50.58 23.26
C SER B 133 -9.74 50.58 23.61
N ILE B 134 -9.41 51.18 24.75
CA ILE B 134 -8.04 51.15 25.27
C ILE B 134 -7.59 49.71 25.53
N SER B 135 -8.52 48.88 26.02
CA SER B 135 -8.35 47.43 26.04
C SER B 135 -8.40 46.92 24.60
N ASP B 136 -7.44 46.07 24.22
CA ASP B 136 -7.21 45.68 22.83
C ASP B 136 -6.73 46.86 22.00
N GLU B 137 -6.29 46.58 20.77
CA GLU B 137 -5.98 47.62 19.80
C GLU B 137 -7.09 47.63 18.75
N SER B 138 -8.34 47.49 19.21
CA SER B 138 -9.49 47.27 18.32
C SER B 138 -10.32 48.53 18.11
N PHE B 139 -10.59 48.83 16.83
CA PHE B 139 -11.62 49.80 16.46
C PHE B 139 -12.95 49.06 16.51
N LEU B 140 -13.92 49.61 17.24
CA LEU B 140 -15.22 48.96 17.42
C LEU B 140 -16.35 49.80 16.83
N THR B 141 -17.35 49.12 16.24
CA THR B 141 -18.54 49.78 15.69
C THR B 141 -19.54 50.03 16.82
N PRO B 142 -20.53 50.93 16.60
CA PRO B 142 -21.46 51.32 17.69
C PRO B 142 -22.30 50.19 18.30
N GLN B 143 -21.99 48.94 17.97
CA GLN B 143 -22.67 47.78 18.53
C GLN B 143 -21.96 47.34 19.82
N ASN B 144 -22.17 48.11 20.90
CA ASN B 144 -21.60 47.80 22.23
C ASN B 144 -22.17 48.69 23.35
N ILE B 145 -22.00 48.27 24.60
CA ILE B 145 -22.48 49.04 25.76
C ILE B 145 -21.44 50.09 26.14
N THR B 167 -14.07 54.86 24.54
CA THR B 167 -13.63 56.20 24.22
C THR B 167 -14.07 56.60 22.81
N TRP B 168 -14.73 57.75 22.67
CA TRP B 168 -14.92 58.33 21.33
C TRP B 168 -13.63 58.99 20.92
N VAL B 169 -13.12 58.58 19.76
CA VAL B 169 -11.78 58.91 19.31
C VAL B 169 -11.81 59.64 17.96
N SER B 170 -10.79 60.46 17.71
CA SER B 170 -10.64 61.17 16.44
C SER B 170 -9.15 61.18 16.04
N GLU B 171 -8.66 60.00 15.62
CA GLU B 171 -7.29 59.82 15.16
C GLU B 171 -7.28 59.72 13.64
N GLU B 172 -6.15 60.04 13.03
CA GLU B 172 -5.86 59.67 11.62
C GLU B 172 -5.40 58.22 11.64
N ASN B 173 -5.48 57.56 10.49
CA ASN B 173 -5.17 56.13 10.41
C ASN B 173 -5.04 55.62 8.99
N TYR B 174 -4.04 54.82 8.69
CA TYR B 174 -3.87 54.25 7.36
C TYR B 174 -4.66 52.95 7.20
N MET B 175 -5.49 52.90 6.17
CA MET B 175 -6.27 51.72 5.85
C MET B 175 -5.77 51.12 4.55
N PHE B 176 -5.63 49.80 4.53
CA PHE B 176 -5.44 49.06 3.28
C PHE B 176 -6.81 48.67 2.73
N ARG B 177 -7.05 48.99 1.45
CA ARG B 177 -8.35 48.80 0.83
C ARG B 177 -8.62 47.34 0.45
N LEU B 178 -8.70 46.48 1.46
CA LEU B 178 -8.82 45.03 1.25
C LEU B 178 -10.09 44.63 0.49
N SER B 179 -11.17 45.38 0.68
CA SER B 179 -12.45 45.07 0.05
C SER B 179 -12.34 45.06 -1.48
N ALA B 180 -11.36 45.78 -2.01
CA ALA B 180 -11.15 45.90 -3.46
C ALA B 180 -10.47 44.69 -4.11
N PHE B 181 -10.06 43.71 -3.29
CA PHE B 181 -9.31 42.55 -3.79
C PHE B 181 -10.07 41.24 -3.75
N ARG B 182 -11.30 41.28 -3.22
CA ARG B 182 -12.20 40.14 -3.24
C ARG B 182 -12.16 39.38 -4.56
N GLU B 183 -12.65 39.96 -5.64
CA GLU B 183 -12.76 39.25 -6.91
C GLU B 183 -11.43 38.60 -7.36
N ARG B 184 -10.30 39.28 -7.19
CA ARG B 184 -9.00 38.72 -7.59
C ARG B 184 -8.55 37.58 -6.68
N LEU B 185 -8.89 37.67 -5.40
CA LEU B 185 -8.55 36.62 -4.43
C LEU B 185 -9.34 35.37 -4.77
N LEU B 186 -10.62 35.56 -5.02
CA LEU B 186 -11.48 34.45 -5.42
C LEU B 186 -10.96 33.85 -6.73
N GLU B 187 -10.55 34.69 -7.68
CA GLU B 187 -9.98 34.21 -8.94
C GLU B 187 -8.80 33.32 -8.63
N TRP B 188 -7.99 33.76 -7.68
CA TRP B 188 -6.76 33.04 -7.32
C TRP B 188 -7.00 31.72 -6.63
N TYR B 189 -8.00 31.66 -5.75
CA TYR B 189 -8.32 30.42 -5.04
C TYR B 189 -8.84 29.33 -5.98
N HIS B 190 -9.65 29.74 -6.96
CA HIS B 190 -10.30 28.83 -7.91
C HIS B 190 -9.38 28.42 -9.04
N ALA B 191 -8.49 29.31 -9.43
CA ALA B 191 -7.46 29.02 -10.43
C ALA B 191 -6.36 28.11 -9.90
N ASN B 192 -6.22 28.03 -8.57
CA ASN B 192 -5.14 27.28 -7.94
C ASN B 192 -5.71 26.44 -6.80
N PRO B 193 -6.45 25.38 -7.15
CA PRO B 193 -7.27 24.68 -6.17
C PRO B 193 -6.48 23.94 -5.09
N GLY B 194 -5.18 23.74 -5.31
CA GLY B 194 -4.31 23.18 -4.28
C GLY B 194 -3.47 24.21 -3.55
N CYS B 195 -3.81 25.49 -3.62
CA CYS B 195 -2.97 26.51 -3.02
C CYS B 195 -3.10 26.57 -1.49
N ILE B 196 -4.21 26.10 -0.95
CA ILE B 196 -4.40 26.02 0.50
C ILE B 196 -4.66 24.58 0.87
N VAL B 197 -3.99 24.09 1.90
CA VAL B 197 -4.11 22.71 2.35
C VAL B 197 -4.29 22.69 3.88
N PRO B 198 -5.11 21.78 4.41
CA PRO B 198 -5.94 20.80 3.73
C PRO B 198 -7.22 21.44 3.20
N GLU B 199 -7.93 20.68 2.37
CA GLU B 199 -9.04 21.18 1.58
C GLU B 199 -10.12 21.89 2.40
N PHE B 200 -10.50 21.33 3.55
CA PHE B 200 -11.59 21.95 4.32
C PHE B 200 -11.24 23.37 4.77
N ARG B 201 -9.97 23.60 5.08
CA ARG B 201 -9.47 24.95 5.41
C ARG B 201 -9.51 25.82 4.16
N ARG B 202 -9.04 25.27 3.04
CA ARG B 202 -9.13 26.01 1.78
C ARG B 202 -10.56 26.51 1.56
N ARG B 203 -11.52 25.59 1.63
CA ARG B 203 -12.93 25.89 1.46
C ARG B 203 -13.41 26.96 2.44
N GLU B 204 -12.94 26.89 3.69
CA GLU B 204 -13.32 27.87 4.70
C GLU B 204 -12.89 29.28 4.30
N VAL B 205 -11.68 29.40 3.75
CA VAL B 205 -11.18 30.68 3.29
C VAL B 205 -12.08 31.21 2.17
N ILE B 206 -12.42 30.33 1.23
CA ILE B 206 -13.21 30.73 0.06
C ILE B 206 -14.60 31.25 0.44
N ARG B 207 -15.29 30.60 1.37
CA ARG B 207 -16.64 31.06 1.77
C ARG B 207 -16.53 32.43 2.44
N ALA B 208 -15.46 32.62 3.23
CA ALA B 208 -15.27 33.85 3.99
C ALA B 208 -15.08 35.04 3.06
N VAL B 209 -14.21 34.89 2.07
CA VAL B 209 -13.99 35.92 1.06
C VAL B 209 -15.23 36.09 0.18
N GLU B 210 -16.02 35.04 -0.01
CA GLU B 210 -17.31 35.15 -0.74
C GLU B 210 -18.29 36.07 -0.01
N LYS B 211 -18.35 35.96 1.32
CA LYS B 211 -19.27 36.75 2.14
C LYS B 211 -18.91 38.24 2.19
N GLY B 212 -17.73 38.60 1.68
CA GLY B 212 -17.31 40.00 1.58
C GLY B 212 -16.14 40.26 2.51
N LEU B 213 -15.39 41.33 2.26
CA LEU B 213 -14.20 41.69 3.04
C LEU B 213 -14.26 43.15 3.46
N PRO B 214 -13.94 43.46 4.72
CA PRO B 214 -13.77 44.85 5.07
C PRO B 214 -12.36 45.31 4.71
N ASP B 215 -12.15 46.63 4.68
CA ASP B 215 -10.81 47.19 4.54
C ASP B 215 -10.03 46.89 5.81
N LEU B 216 -8.71 47.06 5.77
CA LEU B 216 -7.85 46.63 6.85
C LEU B 216 -7.00 47.77 7.35
N SER B 217 -7.06 47.98 8.65
CA SER B 217 -6.33 49.06 9.31
C SER B 217 -4.90 48.62 9.51
N VAL B 218 -3.97 49.27 8.81
CA VAL B 218 -2.58 48.83 8.78
C VAL B 218 -1.65 49.75 9.60
N SER B 219 -2.21 50.63 10.43
CA SER B 219 -1.38 51.50 11.28
C SER B 219 -1.96 51.74 12.65
N ARG B 220 -1.09 52.17 13.57
CA ARG B 220 -1.54 52.62 14.88
C ARG B 220 -0.75 53.83 15.29
N ALA B 221 -1.34 54.66 16.15
CA ALA B 221 -0.65 55.78 16.78
C ALA B 221 0.56 55.21 17.55
N ARG B 222 1.67 55.94 17.59
CA ARG B 222 2.88 55.42 18.27
C ARG B 222 2.73 55.28 19.78
N ALA B 223 1.90 56.12 20.41
CA ALA B 223 1.60 55.96 21.83
C ALA B 223 0.95 54.58 22.09
N THR B 224 0.09 54.15 21.16
CA THR B 224 -0.66 52.87 21.27
C THR B 224 0.26 51.66 21.36
N LEU B 225 1.39 51.75 20.65
CA LEU B 225 2.36 50.66 20.54
C LEU B 225 3.62 50.88 21.40
N HIS B 226 3.59 51.91 22.25
CA HIS B 226 4.74 52.26 23.08
C HIS B 226 5.98 52.50 22.27
N ASN B 227 5.79 53.11 21.10
CA ASN B 227 6.88 53.34 20.15
C ASN B 227 7.64 52.11 19.67
N TRP B 228 7.20 50.93 20.08
CA TRP B 228 7.94 49.73 19.76
C TRP B 228 7.43 49.11 18.48
N ALA B 229 7.80 49.73 17.36
CA ALA B 229 7.28 49.36 16.04
C ALA B 229 8.07 50.06 14.93
N ILE B 230 7.62 49.99 13.68
CA ILE B 230 8.29 50.67 12.56
C ILE B 230 7.51 51.91 12.13
N PRO B 231 8.18 53.07 12.03
CA PRO B 231 7.45 54.29 11.62
C PRO B 231 6.87 54.22 10.22
N VAL B 232 5.67 54.75 10.06
CA VAL B 232 5.06 54.87 8.74
C VAL B 232 5.93 55.81 7.90
N PRO B 233 6.50 55.33 6.78
CA PRO B 233 7.36 56.16 5.92
C PRO B 233 6.66 57.46 5.55
N GLY B 234 7.30 58.58 5.86
CA GLY B 234 6.69 59.89 5.63
C GLY B 234 5.81 60.40 6.76
N ASN B 235 5.47 59.56 7.73
CA ASN B 235 4.70 60.01 8.89
C ASN B 235 5.11 59.34 10.21
N PRO B 236 6.06 59.95 10.95
CA PRO B 236 6.58 59.45 12.24
C PRO B 236 5.56 59.29 13.36
N ASP B 237 4.48 60.07 13.33
CA ASP B 237 3.42 59.94 14.34
C ASP B 237 2.69 58.60 14.34
N HIS B 238 2.86 57.79 13.30
CA HIS B 238 2.15 56.52 13.19
C HIS B 238 3.10 55.40 12.91
N VAL B 240 3.67 51.14 11.67
CA VAL B 240 3.21 50.03 10.84
C VAL B 240 2.77 48.89 11.78
N TYR B 241 1.48 48.54 11.71
CA TYR B 241 0.90 47.51 12.59
C TYR B 241 1.37 46.09 12.17
N VAL B 242 0.82 45.06 12.81
CA VAL B 242 1.31 43.67 12.69
C VAL B 242 1.36 43.07 11.27
N TRP B 243 0.41 43.46 10.43
CA TRP B 243 0.21 42.79 9.15
C TRP B 243 1.37 43.04 8.22
N LEU B 244 1.60 44.30 7.87
CA LEU B 244 2.66 44.63 6.90
C LEU B 244 4.04 44.46 7.50
N ASP B 245 4.11 44.37 8.83
CA ASP B 245 5.38 44.16 9.52
C ASP B 245 5.75 42.69 9.51
N ALA B 246 4.93 41.87 10.15
CA ALA B 246 5.24 40.45 10.34
C ALA B 246 5.19 39.67 9.03
N LEU B 247 4.06 39.73 8.32
CA LEU B 247 3.91 38.99 7.08
C LEU B 247 5.03 39.31 6.07
N THR B 248 5.50 40.55 6.05
CA THR B 248 6.53 40.94 5.10
C THR B 248 7.86 40.22 5.34
N ASN B 249 8.04 39.65 6.53
CA ASN B 249 9.28 38.95 6.85
C ASN B 249 9.68 37.97 5.74
N TYR B 250 8.66 37.35 5.14
CA TYR B 250 8.86 36.36 4.08
C TYR B 250 9.53 36.98 2.87
N LEU B 251 9.15 38.20 2.54
CA LEU B 251 9.73 38.93 1.42
C LEU B 251 11.16 39.36 1.74
N THR B 252 11.35 39.96 2.91
CA THR B 252 12.69 40.30 3.37
C THR B 252 13.60 39.10 3.29
N GLY B 253 13.12 37.96 3.77
CA GLY B 253 13.91 36.73 3.81
C GLY B 253 14.33 36.26 2.43
N SER B 254 13.46 36.48 1.45
CA SER B 254 13.70 36.01 0.09
C SER B 254 14.78 36.83 -0.59
N ARG B 255 15.12 37.97 0.04
CA ARG B 255 16.08 38.92 -0.51
C ARG B 255 17.41 39.00 0.25
N LEU B 256 17.56 38.24 1.35
CA LEU B 256 18.78 38.32 2.14
C LEU B 256 19.84 37.36 1.63
N ARG B 257 21.01 37.89 1.28
CA ARG B 257 22.20 37.04 1.13
C ARG B 257 22.71 36.66 2.50
N VAL B 258 23.10 35.40 2.68
CA VAL B 258 23.42 34.88 4.00
C VAL B 258 24.72 34.09 3.97
N ASP B 259 25.61 34.33 4.93
CA ASP B 259 26.95 33.72 4.94
C ASP B 259 26.95 32.25 5.45
N GLU B 260 28.13 31.67 5.67
CA GLU B 260 28.27 30.32 6.27
C GLU B 260 27.69 30.30 7.67
N SER B 261 27.94 31.38 8.40
CA SER B 261 27.57 31.53 9.80
C SER B 261 26.06 31.67 10.03
N GLY B 262 25.34 32.17 9.02
CA GLY B 262 23.89 32.39 9.11
C GLY B 262 23.49 33.83 9.41
N LYS B 263 24.43 34.76 9.33
CA LYS B 263 24.15 36.19 9.49
C LYS B 263 23.88 36.87 8.14
N GLU B 264 22.89 37.76 8.16
CA GLU B 264 22.50 38.55 6.99
C GLU B 264 23.58 39.57 6.63
N VAL B 265 24.07 39.51 5.40
CA VAL B 265 25.18 40.38 4.97
C VAL B 265 24.78 41.42 3.92
N SER B 266 23.67 41.17 3.21
CA SER B 266 23.24 42.02 2.11
C SER B 266 21.73 41.86 1.84
N LEU B 267 21.08 42.96 1.47
CA LEU B 267 19.69 42.92 1.04
C LEU B 267 19.64 43.30 -0.43
N VAL B 268 19.40 42.31 -1.28
CA VAL B 268 19.26 42.57 -2.71
C VAL B 268 18.00 43.41 -3.02
N ASP B 269 18.12 44.27 -4.02
CA ASP B 269 17.03 45.15 -4.43
C ASP B 269 15.89 44.38 -5.09
N ASP B 270 16.26 43.34 -5.84
CA ASP B 270 15.34 42.58 -6.69
C ASP B 270 15.23 41.11 -6.22
N PHE B 271 14.03 40.71 -5.77
CA PHE B 271 13.83 39.35 -5.26
C PHE B 271 14.29 38.27 -6.22
N ASN B 272 14.11 38.51 -7.52
CA ASN B 272 14.45 37.52 -8.56
C ASN B 272 15.92 37.16 -8.60
N GLU B 273 16.80 37.99 -8.08
CA GLU B 273 18.22 37.66 -8.10
C GLU B 273 18.58 36.43 -7.24
N LEU B 274 17.81 36.18 -6.18
CA LEU B 274 18.06 35.05 -5.29
C LEU B 274 17.16 33.83 -5.52
N GLU B 275 16.14 34.00 -6.37
CA GLU B 275 15.30 32.91 -6.89
C GLU B 275 14.41 32.24 -5.82
N ARG B 276 14.10 32.95 -4.73
CA ARG B 276 13.35 32.36 -3.63
C ARG B 276 11.90 32.78 -3.62
N PHE B 277 11.65 34.07 -3.82
CA PHE B 277 10.28 34.54 -3.76
C PHE B 277 9.51 34.13 -5.01
N PRO B 278 8.25 33.69 -4.84
CA PRO B 278 7.49 33.57 -3.60
C PRO B 278 7.71 32.22 -2.95
N ALA B 279 7.16 32.07 -1.75
CA ALA B 279 7.29 30.84 -0.99
C ALA B 279 6.64 29.70 -1.78
N ASP B 280 7.29 28.54 -1.77
CA ASP B 280 6.68 27.35 -2.31
C ASP B 280 5.79 26.69 -1.24
N VAL B 281 6.13 26.89 0.03
CA VAL B 281 5.28 26.45 1.13
C VAL B 281 5.39 27.41 2.30
N HIS B 282 4.24 27.94 2.74
CA HIS B 282 4.14 28.71 3.96
C HIS B 282 3.52 27.83 4.98
N VAL B 283 4.31 27.31 5.91
CA VAL B 283 3.76 26.51 7.02
C VAL B 283 3.17 27.45 8.08
N ILE B 284 1.95 27.15 8.54
CA ILE B 284 1.28 27.96 9.56
C ILE B 284 0.29 27.15 10.38
N GLY B 285 -0.13 27.70 11.51
CA GLY B 285 -1.21 27.11 12.30
C GLY B 285 -2.54 27.66 11.84
N LYS B 286 -3.60 26.88 12.07
CA LYS B 286 -4.97 27.25 11.66
C LYS B 286 -5.42 28.64 12.15
N ASP B 287 -4.86 29.06 13.28
CA ASP B 287 -5.16 30.39 13.86
C ASP B 287 -4.73 31.60 13.00
N ILE B 288 -3.78 31.44 12.07
CA ILE B 288 -3.28 32.58 11.28
C ILE B 288 -3.46 32.37 9.76
N LEU B 289 -4.45 31.55 9.41
CA LEU B 289 -4.79 31.27 8.01
C LEU B 289 -5.37 32.51 7.33
N LYS B 290 -6.36 33.13 7.98
CA LYS B 290 -6.91 34.40 7.51
C LYS B 290 -5.81 35.31 7.00
N PHE B 291 -4.81 35.54 7.83
CA PHE B 291 -3.77 36.54 7.57
C PHE B 291 -2.88 36.12 6.42
N HIS B 292 -2.65 34.81 6.30
CA HIS B 292 -1.77 34.26 5.24
C HIS B 292 -2.48 34.01 3.92
N ALA B 293 -3.78 33.76 3.97
CA ALA B 293 -4.57 33.37 2.80
C ALA B 293 -5.42 34.50 2.25
N ILE B 294 -5.61 35.57 3.04
CA ILE B 294 -6.42 36.73 2.62
C ILE B 294 -5.58 37.98 2.54
N TYR B 295 -5.02 38.42 3.67
CA TYR B 295 -4.27 39.69 3.71
C TYR B 295 -2.98 39.62 2.89
N TRP B 296 -2.16 38.64 3.22
CA TRP B 296 -0.86 38.47 2.59
C TRP B 296 -0.93 38.50 1.06
N PRO B 297 -1.78 37.65 0.45
CA PRO B 297 -1.86 37.72 -1.00
C PRO B 297 -2.34 39.09 -1.51
N ALA B 298 -3.31 39.68 -0.80
CA ALA B 298 -3.85 40.98 -1.16
C ALA B 298 -2.73 42.03 -1.23
N PHE B 299 -1.81 41.98 -0.26
CA PHE B 299 -0.64 42.86 -0.29
C PHE B 299 0.20 42.60 -1.53
N LEU B 300 0.51 41.33 -1.74
CA LEU B 300 1.32 40.91 -2.87
C LEU B 300 0.65 41.32 -4.18
N LEU B 301 -0.69 41.32 -4.21
CA LEU B 301 -1.40 41.68 -5.44
C LEU B 301 -1.24 43.17 -5.76
N SER B 302 -1.44 44.01 -4.75
CA SER B 302 -1.22 45.44 -4.85
C SER B 302 0.19 45.72 -5.34
N ALA B 303 1.16 45.02 -4.75
CA ALA B 303 2.58 45.23 -5.08
C ALA B 303 2.93 44.71 -6.47
N GLY B 304 2.07 43.86 -7.03
CA GLY B 304 2.35 43.22 -8.29
C GLY B 304 3.44 42.20 -8.10
N LEU B 305 3.45 41.58 -6.93
CA LEU B 305 4.44 40.56 -6.57
C LEU B 305 3.83 39.18 -6.75
N PRO B 306 4.66 38.16 -7.06
CA PRO B 306 4.13 36.81 -7.21
C PRO B 306 3.59 36.25 -5.92
N LEU B 307 2.52 35.46 -6.03
CA LEU B 307 1.85 34.82 -4.89
C LEU B 307 2.45 33.45 -4.56
N PRO B 308 2.47 33.08 -3.27
CA PRO B 308 2.99 31.77 -2.87
C PRO B 308 2.22 30.64 -3.53
N LYS B 309 2.87 29.50 -3.71
CA LYS B 309 2.21 28.38 -4.36
C LYS B 309 1.29 27.63 -3.38
N LYS B 310 1.74 27.46 -2.13
CA LYS B 310 0.99 26.69 -1.13
C LYS B 310 1.06 27.28 0.28
N ILE B 311 -0.08 27.31 0.96
CA ILE B 311 -0.16 27.56 2.40
C ILE B 311 -0.73 26.32 3.07
N VAL B 312 0.08 25.65 3.90
CA VAL B 312 -0.35 24.47 4.64
C VAL B 312 -0.63 24.86 6.11
N ALA B 313 -1.83 24.52 6.58
CA ALA B 313 -2.29 24.92 7.92
C ALA B 313 -2.56 23.69 8.80
N HIS B 314 -1.85 23.59 9.92
CA HIS B 314 -2.00 22.46 10.84
C HIS B 314 -2.82 22.82 12.08
N GLY B 315 -3.00 21.84 12.97
CA GLY B 315 -3.80 22.01 14.19
C GLY B 315 -3.02 22.11 15.50
N TRP B 316 -3.76 22.11 16.60
CA TRP B 316 -3.20 22.28 17.94
C TRP B 316 -3.02 21.00 18.69
N TRP B 317 -1.95 20.94 19.48
CA TRP B 317 -1.67 19.77 20.32
C TRP B 317 -2.40 19.83 21.64
N THR B 318 -2.62 18.64 22.22
CA THR B 318 -3.22 18.49 23.54
C THR B 318 -2.55 17.28 24.22
N LYS B 319 -1.88 17.52 25.35
CA LYS B 319 -1.06 16.51 26.04
C LYS B 319 -1.95 15.66 26.98
N ASP B 320 -1.95 14.34 26.75
CA ASP B 320 -2.82 13.38 27.48
C ASP B 320 -4.32 13.71 27.34
N ARG B 321 -4.75 14.06 26.12
CA ARG B 321 -6.14 14.42 25.80
C ARG B 321 -6.67 15.68 26.52
N LYS B 322 -5.78 16.42 27.18
CA LYS B 322 -6.12 17.66 27.90
C LYS B 322 -5.28 18.80 27.34
N LYS B 323 -5.73 20.04 27.57
CA LYS B 323 -5.03 21.24 27.09
C LYS B 323 -3.64 21.39 27.71
N ILE B 324 -2.66 21.82 26.90
CA ILE B 324 -1.32 22.13 27.39
C ILE B 324 -1.32 23.56 27.92
N SER B 325 -1.20 23.70 29.24
CA SER B 325 -1.28 24.99 29.90
C SER B 325 -0.07 25.21 30.83
N LYS B 326 0.25 26.49 31.07
CA LYS B 326 1.41 26.86 31.88
C LYS B 326 1.23 26.51 33.38
N SER B 327 0.27 27.17 34.04
CA SER B 327 0.06 27.06 35.49
C SER B 327 -1.22 26.26 35.82
N LEU B 328 -1.77 25.58 34.82
CA LEU B 328 -3.00 24.79 34.97
C LEU B 328 -2.71 23.28 34.81
N GLY B 329 -1.56 22.83 35.30
CA GLY B 329 -1.12 21.44 35.15
C GLY B 329 -0.77 21.12 33.70
N ASN B 330 -0.22 19.93 33.46
CA ASN B 330 -0.06 19.42 32.09
C ASN B 330 0.90 20.25 31.19
N VAL B 331 2.21 20.04 31.39
CA VAL B 331 3.25 20.68 30.57
C VAL B 331 3.83 19.70 29.55
N PHE B 332 3.89 20.13 28.29
CA PHE B 332 4.51 19.34 27.22
C PHE B 332 5.75 20.07 26.65
N ASP B 333 6.92 19.57 27.03
CA ASP B 333 8.21 20.18 26.71
C ASP B 333 8.95 19.29 25.71
N PRO B 334 9.12 19.77 24.46
CA PRO B 334 9.76 18.94 23.45
C PRO B 334 11.21 18.58 23.77
N VAL B 335 11.99 19.54 24.26
CA VAL B 335 13.40 19.27 24.53
C VAL B 335 13.51 18.17 25.60
N GLU B 336 12.63 18.21 26.58
CA GLU B 336 12.62 17.25 27.68
C GLU B 336 12.32 15.84 27.18
N LYS B 337 11.26 15.71 26.38
CA LYS B 337 10.87 14.42 25.81
C LYS B 337 11.89 13.91 24.81
N ALA B 338 12.50 14.83 24.07
CA ALA B 338 13.56 14.47 23.14
C ALA B 338 14.73 13.85 23.88
N GLU B 339 15.09 14.45 25.01
CA GLU B 339 16.14 13.89 25.89
C GLU B 339 15.71 12.55 26.49
N GLU B 340 14.43 12.39 26.76
CA GLU B 340 13.88 11.16 27.34
C GLU B 340 13.84 9.99 26.34
N PHE B 341 13.27 10.22 25.15
CA PHE B 341 13.04 9.17 24.17
C PHE B 341 13.90 9.24 22.89
N GLY B 342 14.61 10.35 22.69
CA GLY B 342 15.41 10.54 21.48
C GLY B 342 14.83 11.63 20.59
N TYR B 343 15.70 12.31 19.86
CA TYR B 343 15.30 13.45 19.04
C TYR B 343 14.51 13.04 17.80
N ASP B 344 15.11 12.26 16.93
CA ASP B 344 14.42 11.70 15.77
C ASP B 344 13.16 10.94 16.20
N ALA B 345 13.24 10.26 17.33
CA ALA B 345 12.11 9.50 17.82
C ALA B 345 10.94 10.44 18.04
N LEU B 346 11.18 11.54 18.75
CA LEU B 346 10.13 12.52 19.01
C LEU B 346 9.61 13.17 17.73
N LYS B 347 10.53 13.59 16.87
CA LYS B 347 10.17 14.18 15.59
C LYS B 347 9.28 13.23 14.81
N TYR B 348 9.72 11.98 14.66
CA TYR B 348 8.91 10.92 14.05
C TYR B 348 7.52 10.89 14.64
N PHE B 349 7.43 10.82 15.96
CA PHE B 349 6.15 10.69 16.62
C PHE B 349 5.22 11.84 16.29
N LEU B 350 5.70 13.07 16.41
CA LEU B 350 4.84 14.23 16.19
C LEU B 350 4.30 14.27 14.76
N LEU B 351 5.15 13.88 13.82
CA LEU B 351 4.81 13.94 12.38
C LEU B 351 3.96 12.77 11.97
N ARG B 352 4.12 11.67 12.67
CA ARG B 352 3.37 10.46 12.37
C ARG B 352 2.01 10.50 13.04
N GLU B 353 1.97 10.97 14.28
CA GLU B 353 0.79 10.79 15.13
C GLU B 353 -0.41 11.57 14.62
N SER B 354 -0.20 12.82 14.23
CA SER B 354 -1.32 13.60 13.75
C SER B 354 -1.02 14.21 12.41
N GLY B 355 -2.03 14.17 11.55
CA GLY B 355 -2.01 14.89 10.31
C GLY B 355 -2.36 16.35 10.55
N PHE B 356 -2.15 17.16 9.52
CA PHE B 356 -2.45 18.59 9.56
C PHE B 356 -3.95 18.83 9.71
N SER B 357 -4.73 17.98 9.05
CA SER B 357 -6.19 17.99 9.15
C SER B 357 -6.72 17.79 10.60
N ASP B 358 -5.97 17.08 11.43
CA ASP B 358 -6.43 16.70 12.78
C ASP B 358 -5.85 17.63 13.85
N ASP B 359 -6.17 17.34 15.11
CA ASP B 359 -5.49 17.93 16.26
C ASP B 359 -4.71 16.83 16.98
N GLY B 360 -3.41 17.04 17.13
CA GLY B 360 -2.52 16.02 17.70
C GLY B 360 -2.79 15.66 19.16
N ASP B 361 -2.29 14.50 19.57
CA ASP B 361 -2.50 13.98 20.93
C ASP B 361 -1.28 13.17 21.45
N TYR B 362 -0.37 13.86 22.14
CA TYR B 362 0.78 13.19 22.75
C TYR B 362 0.34 12.32 23.91
N SER B 363 1.13 11.29 24.18
CA SER B 363 0.92 10.42 25.31
C SER B 363 2.17 9.56 25.46
N ASP B 364 2.74 9.49 26.67
CA ASP B 364 3.92 8.66 26.91
C ASP B 364 3.68 7.21 26.49
N LYS B 365 2.44 6.74 26.64
CA LYS B 365 2.04 5.40 26.22
C LYS B 365 2.14 5.25 24.70
N ASN B 366 1.54 6.21 23.98
CA ASN B 366 1.51 6.16 22.52
C ASN B 366 2.88 6.41 21.90
N MET B 367 3.61 7.38 22.46
CA MET B 367 5.00 7.65 22.07
C MET B 367 5.83 6.37 22.15
N ILE B 368 5.63 5.60 23.23
CA ILE B 368 6.29 4.32 23.40
C ILE B 368 5.76 3.26 22.44
N ALA B 369 4.45 3.25 22.23
CA ALA B 369 3.82 2.30 21.32
C ALA B 369 4.40 2.40 19.92
N ARG B 370 4.53 3.63 19.42
CA ARG B 370 5.07 3.88 18.09
C ARG B 370 6.57 3.66 18.04
N LEU B 371 7.30 4.15 19.05
CA LEU B 371 8.75 3.93 19.16
C LEU B 371 9.09 2.43 19.07
N ASN B 372 8.34 1.62 19.81
CA ASN B 372 8.56 0.18 19.82
C ASN B 372 8.10 -0.49 18.52
N GLY B 373 6.81 -0.34 18.20
CA GLY B 373 6.21 -1.05 17.07
C GLY B 373 6.73 -0.67 15.69
N GLU B 374 6.94 0.63 15.46
CA GLU B 374 7.36 1.13 14.15
C GLU B 374 8.87 1.32 14.05
N LEU B 375 9.43 2.15 14.93
CA LEU B 375 10.85 2.50 14.84
C LEU B 375 11.77 1.34 15.17
N ALA B 376 11.51 0.67 16.29
CA ALA B 376 12.31 -0.51 16.72
C ALA B 376 11.92 -1.77 15.93
N ASP B 377 10.70 -2.26 16.12
CA ASP B 377 10.26 -3.49 15.44
C ASP B 377 10.37 -3.41 13.92
N THR B 378 9.59 -2.54 13.28
CA THR B 378 9.56 -2.53 11.82
C THR B 378 10.90 -2.12 11.23
N LEU B 379 11.38 -0.93 11.55
CA LEU B 379 12.60 -0.39 10.91
C LEU B 379 13.89 -0.96 11.48
N GLY B 380 14.09 -0.81 12.78
CA GLY B 380 15.32 -1.24 13.45
C GLY B 380 15.59 -2.71 13.22
N ASN B 381 14.61 -3.55 13.54
CA ASN B 381 14.74 -5.00 13.40
C ASN B 381 15.15 -5.39 11.98
N LEU B 382 14.59 -4.69 10.99
CA LEU B 382 14.93 -4.97 9.60
C LEU B 382 16.37 -4.60 9.28
N VAL B 383 16.82 -3.47 9.80
CA VAL B 383 18.18 -2.99 9.54
C VAL B 383 19.23 -3.95 10.10
N MET B 384 18.95 -4.49 11.27
CA MET B 384 19.84 -5.45 11.91
C MET B 384 19.85 -6.79 11.17
N ARG B 385 18.69 -7.20 10.67
CA ARG B 385 18.58 -8.46 9.93
C ARG B 385 19.49 -8.50 8.69
N CYS B 386 19.46 -7.46 7.86
CA CYS B 386 20.24 -7.48 6.63
C CYS B 386 21.72 -7.20 6.86
N THR B 387 22.04 -6.59 7.99
CA THR B 387 23.41 -6.27 8.35
C THR B 387 24.08 -7.32 9.23
N SER B 388 23.27 -8.17 9.87
CA SER B 388 23.74 -9.22 10.77
C SER B 388 24.82 -10.11 10.14
N ALA B 389 25.80 -10.48 10.96
CA ALA B 389 26.88 -11.38 10.52
C ALA B 389 26.34 -12.75 10.12
N LYS B 390 25.31 -13.20 10.83
CA LYS B 390 24.69 -14.52 10.60
C LYS B 390 24.06 -14.63 9.22
N ILE B 391 23.33 -13.60 8.82
CA ILE B 391 22.57 -13.63 7.56
C ILE B 391 23.45 -13.14 6.41
N ASN B 392 24.13 -12.03 6.65
CA ASN B 392 25.04 -11.41 5.68
C ASN B 392 26.48 -11.81 6.00
N VAL B 393 26.85 -13.01 5.58
CA VAL B 393 28.14 -13.59 5.99
C VAL B 393 29.32 -12.78 5.51
N ASN B 394 29.29 -12.30 4.27
CA ASN B 394 30.42 -11.51 3.74
C ASN B 394 30.44 -10.03 4.10
N GLY B 395 29.41 -9.57 4.82
CA GLY B 395 29.28 -8.16 5.18
C GLY B 395 29.34 -7.26 3.96
N GLU B 396 28.40 -7.44 3.04
CA GLU B 396 28.39 -6.68 1.79
C GLU B 396 27.09 -6.86 1.00
N TRP B 397 26.89 -5.99 0.01
CA TRP B 397 25.76 -6.08 -0.88
C TRP B 397 26.01 -7.16 -1.89
N PRO B 398 25.19 -8.24 -1.91
CA PRO B 398 25.42 -9.30 -2.88
C PRO B 398 24.87 -8.99 -4.25
N SER B 399 25.43 -9.66 -5.26
CA SER B 399 24.89 -9.64 -6.60
C SER B 399 23.68 -10.58 -6.63
N PRO B 400 22.50 -10.06 -7.01
CA PRO B 400 21.32 -10.91 -6.96
C PRO B 400 21.36 -12.02 -7.99
N ALA B 401 20.61 -13.09 -7.74
CA ALA B 401 20.42 -14.18 -8.69
C ALA B 401 19.11 -13.98 -9.48
N ALA B 402 18.52 -15.07 -9.95
CA ALA B 402 17.23 -15.00 -10.65
C ALA B 402 16.19 -14.39 -9.73
N TYR B 403 15.21 -13.72 -10.33
CA TYR B 403 14.11 -13.09 -9.59
C TYR B 403 12.82 -13.91 -9.72
N THR B 404 12.25 -14.29 -8.59
CA THR B 404 10.88 -14.81 -8.48
C THR B 404 9.83 -13.74 -8.80
N GLU B 405 8.58 -14.14 -8.96
CA GLU B 405 7.49 -13.18 -9.00
C GLU B 405 7.34 -12.46 -7.68
N GLU B 406 7.57 -13.19 -6.59
CA GLU B 406 7.50 -12.57 -5.29
C GLU B 406 8.54 -11.46 -5.15
N ASP B 407 9.76 -11.74 -5.58
CA ASP B 407 10.81 -10.73 -5.60
C ASP B 407 10.33 -9.51 -6.37
N GLU B 408 9.80 -9.75 -7.57
CA GLU B 408 9.38 -8.67 -8.43
C GLU B 408 8.27 -7.85 -7.78
N SER B 409 7.40 -8.52 -7.01
CA SER B 409 6.29 -7.82 -6.36
C SER B 409 6.81 -6.83 -5.32
N LEU B 410 7.84 -7.22 -4.58
CA LEU B 410 8.47 -6.33 -3.60
C LEU B 410 9.31 -5.26 -4.28
N ILE B 411 10.09 -5.66 -5.28
CA ILE B 411 10.91 -4.72 -6.05
C ILE B 411 10.00 -3.63 -6.60
N GLN B 412 8.82 -4.00 -7.06
CA GLN B 412 7.87 -3.03 -7.57
C GLN B 412 7.45 -2.05 -6.49
N LEU B 413 7.15 -2.56 -5.30
CA LEU B 413 6.73 -1.69 -4.21
C LEU B 413 7.83 -0.66 -3.92
N ILE B 414 9.09 -1.10 -4.02
CA ILE B 414 10.23 -0.23 -3.79
C ILE B 414 10.45 0.75 -4.94
N LYS B 415 10.36 0.27 -6.17
CA LYS B 415 10.43 1.17 -7.34
C LYS B 415 9.34 2.26 -7.27
N ASP B 416 8.16 1.90 -6.77
CA ASP B 416 7.01 2.80 -6.79
C ASP B 416 7.03 3.82 -5.66
N LEU B 417 7.77 3.53 -4.60
CA LEU B 417 7.71 4.35 -3.39
C LEU B 417 8.19 5.79 -3.60
N PRO B 418 9.34 5.99 -4.23
CA PRO B 418 9.79 7.37 -4.36
C PRO B 418 8.75 8.32 -4.98
N GLY B 419 8.03 7.83 -5.98
CA GLY B 419 7.04 8.64 -6.67
C GLY B 419 5.84 8.96 -5.80
N THR B 420 5.36 8.00 -5.03
CA THR B 420 4.20 8.24 -4.19
C THR B 420 4.61 9.08 -2.99
N ALA B 421 5.77 8.78 -2.41
CA ALA B 421 6.27 9.63 -1.33
C ALA B 421 6.45 11.09 -1.79
N ASP B 422 6.94 11.27 -3.02
CA ASP B 422 7.21 12.61 -3.54
C ASP B 422 5.94 13.46 -3.63
N HIS B 423 4.84 12.86 -4.07
CA HIS B 423 3.58 13.59 -4.12
C HIS B 423 3.09 13.93 -2.74
N TYR B 424 3.22 13.01 -1.79
CA TYR B 424 2.75 13.30 -0.45
C TYR B 424 3.55 14.42 0.17
N TYR B 425 4.84 14.47 -0.10
CA TYR B 425 5.68 15.55 0.42
C TYR B 425 5.29 16.87 -0.22
N LEU B 426 4.89 16.86 -1.48
CA LEU B 426 4.54 18.10 -2.18
C LEU B 426 3.18 18.72 -1.81
N ILE B 427 2.24 17.91 -1.31
CA ILE B 427 0.89 18.36 -0.98
C ILE B 427 0.87 19.61 -0.09
N PRO B 428 1.60 19.59 1.03
CA PRO B 428 2.38 18.52 1.64
C PRO B 428 1.56 17.75 2.69
N ASP B 429 1.80 16.44 2.80
CA ASP B 429 1.19 15.61 3.83
C ASP B 429 2.27 14.66 4.32
N ILE B 430 2.95 15.06 5.39
CA ILE B 430 4.11 14.31 5.85
C ILE B 430 3.69 13.03 6.52
N GLN B 431 2.51 13.06 7.14
CA GLN B 431 1.98 11.85 7.77
C GLN B 431 1.83 10.76 6.72
N LYS B 432 1.29 11.11 5.55
CA LYS B 432 1.11 10.13 4.50
C LYS B 432 2.43 9.70 3.84
N ALA B 433 3.37 10.61 3.68
CA ALA B 433 4.68 10.22 3.16
C ALA B 433 5.27 9.14 4.06
N ILE B 434 5.11 9.30 5.37
CA ILE B 434 5.60 8.32 6.32
C ILE B 434 4.88 6.97 6.21
N ILE B 435 3.56 7.00 6.26
CA ILE B 435 2.75 5.79 6.14
C ILE B 435 3.19 5.04 4.89
N ALA B 436 3.36 5.78 3.79
CA ALA B 436 3.74 5.19 2.52
C ALA B 436 5.02 4.37 2.68
N VAL B 437 6.07 5.01 3.21
CA VAL B 437 7.35 4.34 3.40
C VAL B 437 7.19 3.11 4.28
N PHE B 438 6.50 3.27 5.42
CA PHE B 438 6.32 2.15 6.35
C PHE B 438 5.49 1.01 5.79
N ASP B 439 4.62 1.29 4.83
CA ASP B 439 3.93 0.22 4.14
C ASP B 439 4.97 -0.66 3.43
N VAL B 440 6.00 -0.04 2.87
CA VAL B 440 7.03 -0.79 2.16
C VAL B 440 7.92 -1.50 3.18
N LEU B 441 8.18 -0.85 4.31
CA LEU B 441 8.95 -1.49 5.37
C LEU B 441 8.19 -2.71 5.88
N ARG B 442 6.90 -2.55 6.18
CA ARG B 442 6.10 -3.69 6.61
C ARG B 442 6.15 -4.81 5.55
N ALA B 443 6.14 -4.44 4.28
CA ALA B 443 6.24 -5.42 3.18
C ALA B 443 7.58 -6.14 3.11
N ILE B 444 8.67 -5.41 3.32
CA ILE B 444 10.00 -6.00 3.33
C ILE B 444 10.17 -6.99 4.50
N ASN B 445 9.60 -6.65 5.65
CA ASN B 445 9.64 -7.55 6.82
C ASN B 445 8.89 -8.86 6.58
N ALA B 446 7.76 -8.80 5.88
CA ALA B 446 6.99 -10.01 5.56
C ALA B 446 7.73 -10.84 4.54
N TYR B 447 8.39 -10.17 3.60
CA TYR B 447 9.20 -10.84 2.58
C TYR B 447 10.31 -11.62 3.26
N VAL B 448 11.00 -10.97 4.18
CA VAL B 448 12.13 -11.60 4.88
C VAL B 448 11.60 -12.76 5.72
N THR B 449 10.48 -12.55 6.42
CA THR B 449 9.84 -13.63 7.17
C THR B 449 9.54 -14.84 6.29
N ASP B 450 9.06 -14.58 5.07
CA ASP B 450 8.70 -15.64 4.13
C ASP B 450 9.92 -16.30 3.53
N MET B 451 10.97 -15.54 3.22
CA MET B 451 12.15 -16.13 2.60
C MET B 451 13.07 -16.78 3.62
N ALA B 452 12.88 -16.45 4.90
CA ALA B 452 13.65 -17.04 5.99
C ALA B 452 15.15 -17.11 5.69
N PRO B 453 15.78 -15.95 5.41
CA PRO B 453 17.20 -15.89 5.00
C PRO B 453 18.19 -16.57 5.96
N TRP B 454 17.87 -16.60 7.24
CA TRP B 454 18.71 -17.28 8.23
C TRP B 454 18.87 -18.76 7.93
N LYS B 455 17.81 -19.39 7.42
CA LYS B 455 17.88 -20.77 6.94
C LYS B 455 18.63 -20.88 5.62
N LEU B 456 18.43 -19.90 4.74
CA LEU B 456 19.05 -19.92 3.42
C LEU B 456 20.59 -19.89 3.43
N VAL B 457 21.17 -19.33 4.48
CA VAL B 457 22.63 -19.24 4.58
C VAL B 457 23.32 -20.60 4.45
N LYS B 458 22.62 -21.67 4.82
CA LYS B 458 23.09 -23.06 4.71
C LYS B 458 22.45 -23.75 3.51
N THR B 459 21.12 -23.71 3.44
CA THR B 459 20.35 -24.36 2.39
C THR B 459 20.79 -23.94 0.98
N ASP B 460 20.71 -22.64 0.68
CA ASP B 460 20.79 -22.15 -0.71
C ASP B 460 21.37 -20.74 -0.78
N PRO B 461 22.71 -20.62 -0.75
CA PRO B 461 23.34 -19.29 -0.75
C PRO B 461 23.01 -18.48 -2.00
N GLU B 462 22.94 -19.14 -3.16
CA GLU B 462 22.60 -18.45 -4.40
C GLU B 462 21.31 -17.64 -4.16
N ARG B 463 20.30 -18.27 -3.59
CA ARG B 463 19.01 -17.62 -3.35
C ARG B 463 19.11 -16.49 -2.31
N LEU B 464 19.94 -16.69 -1.29
CA LEU B 464 20.13 -15.67 -0.24
C LEU B 464 20.65 -14.39 -0.85
N ARG B 465 21.61 -14.51 -1.76
CA ARG B 465 22.10 -13.37 -2.50
C ARG B 465 20.94 -12.51 -2.99
N THR B 466 20.01 -13.11 -3.71
CA THR B 466 18.87 -12.35 -4.22
C THR B 466 18.08 -11.72 -3.08
N VAL B 467 17.79 -12.52 -2.06
CA VAL B 467 16.95 -12.08 -0.96
C VAL B 467 17.57 -10.92 -0.17
N LEU B 468 18.87 -11.03 0.10
CA LEU B 468 19.62 -9.99 0.80
C LEU B 468 19.63 -8.72 0.00
N TYR B 469 19.95 -8.85 -1.27
CA TYR B 469 20.15 -7.69 -2.10
C TYR B 469 18.90 -6.82 -2.10
N ILE B 470 17.75 -7.44 -2.28
CA ILE B 470 16.48 -6.72 -2.33
C ILE B 470 16.21 -6.05 -1.00
N THR B 471 16.29 -6.81 0.08
CA THR B 471 16.09 -6.25 1.41
C THR B 471 16.98 -5.02 1.60
N LEU B 472 18.27 -5.18 1.33
CA LEU B 472 19.22 -4.08 1.49
C LEU B 472 18.75 -2.86 0.70
N GLU B 473 18.40 -3.08 -0.56
CA GLU B 473 18.00 -1.99 -1.42
C GLU B 473 16.67 -1.41 -0.92
N GLY B 474 15.79 -2.27 -0.41
CA GLY B 474 14.54 -1.79 0.17
C GLY B 474 14.78 -0.87 1.37
N VAL B 475 15.72 -1.27 2.22
CA VAL B 475 16.00 -0.52 3.43
C VAL B 475 16.69 0.79 3.10
N ARG B 476 17.44 0.82 2.00
CA ARG B 476 18.16 2.02 1.61
C ARG B 476 17.20 3.06 1.11
N VAL B 477 16.35 2.66 0.18
CA VAL B 477 15.37 3.56 -0.42
C VAL B 477 14.38 4.12 0.60
N THR B 478 13.81 3.25 1.43
CA THR B 478 12.90 3.70 2.49
C THR B 478 13.60 4.63 3.48
N THR B 479 14.85 4.31 3.80
CA THR B 479 15.64 5.18 4.68
C THR B 479 15.89 6.52 4.00
N LEU B 480 16.14 6.50 2.68
CA LEU B 480 16.39 7.75 1.97
C LEU B 480 15.17 8.65 2.08
N LEU B 481 14.00 8.09 1.80
CA LEU B 481 12.78 8.86 1.87
C LEU B 481 12.40 9.23 3.30
N LEU B 482 12.83 8.44 4.28
CA LEU B 482 12.61 8.78 5.69
C LEU B 482 13.64 9.77 6.25
N SER B 483 14.67 10.12 5.47
CA SER B 483 15.77 10.90 6.03
C SER B 483 15.36 12.32 6.46
N PRO B 484 14.32 12.91 5.84
CA PRO B 484 13.83 14.18 6.39
C PRO B 484 13.14 14.01 7.74
N ILE B 485 12.64 12.81 8.01
CA ILE B 485 11.94 12.54 9.27
C ILE B 485 12.94 12.13 10.35
N LEU B 486 13.97 11.37 9.97
CA LEU B 486 14.93 10.83 10.91
C LEU B 486 16.34 11.22 10.48
N PRO B 487 16.62 12.52 10.48
CA PRO B 487 17.85 12.97 9.83
C PRO B 487 19.15 12.42 10.45
N ARG B 488 19.14 12.11 11.75
CA ARG B 488 20.30 11.51 12.41
C ARG B 488 20.35 10.01 12.23
N LYS B 489 19.27 9.34 12.59
CA LYS B 489 19.22 7.89 12.56
C LYS B 489 19.42 7.35 11.14
N SER B 490 18.98 8.11 10.14
CA SER B 490 19.20 7.72 8.75
C SER B 490 20.69 7.67 8.44
N VAL B 491 21.43 8.64 8.96
CA VAL B 491 22.86 8.66 8.75
C VAL B 491 23.47 7.39 9.36
N VAL B 492 23.03 7.01 10.55
CA VAL B 492 23.47 5.74 11.14
C VAL B 492 23.18 4.54 10.21
N ILE B 493 21.92 4.41 9.79
CA ILE B 493 21.46 3.30 8.94
C ILE B 493 22.31 3.20 7.67
N PHE B 494 22.53 4.34 7.01
CA PHE B 494 23.35 4.35 5.80
C PHE B 494 24.76 3.89 6.09
N ASP B 495 25.34 4.28 7.22
CA ASP B 495 26.70 3.85 7.55
C ASP B 495 26.74 2.33 7.68
N MET B 496 25.73 1.79 8.37
CA MET B 496 25.67 0.35 8.58
C MET B 496 25.63 -0.35 7.23
N LEU B 497 24.77 0.13 6.34
CA LEU B 497 24.64 -0.44 4.98
C LEU B 497 25.84 -0.10 4.08
N GLY B 498 26.70 0.80 4.55
CA GLY B 498 27.91 1.19 3.80
C GLY B 498 27.60 1.98 2.55
N VAL B 499 26.45 2.63 2.51
CA VAL B 499 26.07 3.45 1.37
C VAL B 499 27.03 4.62 1.29
N PRO B 500 27.65 4.84 0.11
CA PRO B 500 28.49 6.03 0.03
C PRO B 500 27.69 7.33 0.13
N GLU B 501 28.36 8.38 0.60
CA GLU B 501 27.76 9.70 0.73
C GLU B 501 27.09 10.14 -0.55
N VAL B 502 27.71 9.85 -1.69
CA VAL B 502 27.18 10.29 -2.98
C VAL B 502 25.78 9.69 -3.25
N HIS B 503 25.50 8.51 -2.71
CA HIS B 503 24.22 7.85 -2.96
C HIS B 503 23.20 8.13 -1.87
N ARG B 504 23.48 9.11 -1.01
CA ARG B 504 22.62 9.41 0.15
C ARG B 504 21.68 10.57 -0.07
N LYS B 505 21.87 11.30 -1.18
CA LYS B 505 20.91 12.30 -1.60
C LYS B 505 20.98 12.49 -3.11
N GLY B 506 19.91 13.01 -3.69
CA GLY B 506 19.79 13.18 -5.14
C GLY B 506 18.62 12.36 -5.68
N ILE B 507 17.80 12.98 -6.52
CA ILE B 507 16.63 12.34 -7.11
C ILE B 507 17.02 11.09 -7.91
N GLU B 508 18.20 11.12 -8.49
CA GLU B 508 18.72 9.99 -9.24
C GLU B 508 18.97 8.77 -8.36
N ASN B 509 19.16 8.97 -7.07
CA ASN B 509 19.38 7.87 -6.12
C ASN B 509 18.09 7.32 -5.50
N PHE B 510 16.96 7.88 -5.92
CA PHE B 510 15.66 7.32 -5.59
C PHE B 510 15.44 6.01 -6.34
N GLU B 511 16.09 5.90 -7.51
CA GLU B 511 15.97 4.74 -8.40
C GLU B 511 16.50 3.46 -7.78
N PHE B 512 15.88 2.35 -8.16
CA PHE B 512 16.20 1.03 -7.61
C PHE B 512 17.58 0.60 -8.08
N GLY B 513 18.32 -0.03 -7.19
CA GLY B 513 19.66 -0.54 -7.50
C GLY B 513 20.74 0.50 -7.69
N ALA B 514 20.64 1.63 -6.98
CA ALA B 514 21.61 2.72 -7.13
C ALA B 514 22.96 2.39 -6.52
N VAL B 515 22.96 1.57 -5.48
CA VAL B 515 24.19 1.10 -4.87
C VAL B 515 24.51 -0.30 -5.40
N PRO B 516 25.68 -0.46 -6.06
CA PRO B 516 26.04 -1.68 -6.76
C PRO B 516 26.54 -2.81 -5.86
N PRO B 517 26.35 -4.08 -6.26
CA PRO B 517 26.88 -5.17 -5.45
C PRO B 517 28.40 -5.13 -5.38
N GLY B 518 28.94 -5.65 -4.29
CA GLY B 518 30.35 -5.51 -3.98
C GLY B 518 30.55 -4.51 -2.84
N THR B 519 29.64 -3.55 -2.72
CA THR B 519 29.75 -2.52 -1.71
C THR B 519 29.82 -3.15 -0.32
N ARG B 520 30.84 -2.76 0.45
CA ARG B 520 31.05 -3.29 1.80
C ARG B 520 30.10 -2.63 2.80
N LEU B 521 29.56 -3.42 3.72
CA LEU B 521 28.83 -2.89 4.86
C LEU B 521 29.78 -2.11 5.76
N GLY B 522 29.22 -1.22 6.57
CA GLY B 522 30.02 -0.44 7.50
C GLY B 522 30.43 -1.27 8.69
N PRO B 523 31.49 -0.85 9.41
CA PRO B 523 31.93 -1.65 10.56
C PRO B 523 30.80 -1.87 11.55
N ALA B 524 30.40 -3.12 11.72
CA ALA B 524 29.36 -3.45 12.70
C ALA B 524 29.95 -3.26 14.10
N VAL B 525 29.26 -2.49 14.93
CA VAL B 525 29.74 -2.14 16.27
C VAL B 525 29.10 -3.05 17.34
N GLU B 526 29.77 -3.19 18.49
CA GLU B 526 29.27 -4.04 19.59
C GLU B 526 27.99 -3.49 20.27
N GLY B 527 27.79 -2.18 20.25
CA GLY B 527 26.58 -1.55 20.81
C GLY B 527 25.32 -1.94 20.05
N GLU B 528 25.31 -1.66 18.75
CA GLU B 528 24.26 -2.10 17.80
C GLU B 528 22.79 -1.98 18.24
N VAL B 529 22.27 -0.75 18.26
CA VAL B 529 20.83 -0.53 18.41
C VAL B 529 20.46 0.82 17.80
N LEU B 530 19.59 0.81 16.80
CA LEU B 530 19.08 2.05 16.23
C LEU B 530 18.16 2.69 17.23
N PHE B 531 17.15 1.92 17.64
CA PHE B 531 16.23 2.32 18.68
C PHE B 531 16.11 1.15 19.66
N SER B 532 16.37 1.42 20.93
CA SER B 532 16.17 0.43 21.98
C SER B 532 14.71 0.48 22.42
N LYS B 533 14.06 -0.67 22.49
CA LYS B 533 12.68 -0.73 22.95
C LYS B 533 12.62 -0.24 24.39
N ARG B 534 11.52 0.37 24.79
CA ARG B 534 11.42 0.98 26.12
C ARG B 534 10.27 0.43 26.96
N SER B 535 10.42 0.54 28.28
CA SER B 535 9.48 0.02 29.29
C SER B 535 8.00 0.33 29.03
N THR B 536 7.18 -0.72 28.97
CA THR B 536 5.75 -0.60 28.58
C THR B 536 4.91 0.05 29.67
#